data_9I97
#
_entry.id   9I97
#
_cell.length_a   1.00
_cell.length_b   1.00
_cell.length_c   1.00
_cell.angle_alpha   90.00
_cell.angle_beta   90.00
_cell.angle_gamma   90.00
#
_symmetry.space_group_name_H-M   'P 1'
#
loop_
_entity.id
_entity.type
_entity.pdbx_description
1 polymer 'LPS-assembly protein LptD'
2 polymer 'LPS-assembly lipoprotein LptE'
3 polymer 'Compound 12 - Bicyclic Peptide Binder'
4 non-polymer DODECYL-BETA-D-MALTOSIDE
5 non-polymer 1-[4,7-bis(2-chloranylethanoyl)-1,4,7-triazonan-1-yl]-2-chloranyl-ethanone
#
loop_
_entity_poly.entity_id
_entity_poly.type
_entity_poly.pdbx_seq_one_letter_code
_entity_poly.pdbx_strand_id
1 'polypeptide(L)'
;ADLASQCMLGVPSYDRPLVQGDTNDLPVTINADHAKGDYPDDAVFTGSVDIMQGNSRLQADEVQLHQKEAPGQPEPVRTV
DALGNVHYDDNQVILKGPKGWANLNTKDTNVWEGDYQMVGRQGRGKADLMKQRGENRYTILDNGSFTSCLPGSDTWSVVG
SEIIHDREEQVAEIWNARFKVGPVPIFYSPYLQLPVGDKRRSGFLIPNAKYTTTNYFEFYLPYYWNIAPNMDATITPHYM
HRRGNIMWENEFRYLSQAGAGLMELDYLPSDKVYEDEHPNDDSSRRWLFYWNHSGVMDQVWRFNVDYTKVSDPSYFNDFD
NKYGSSTDGYATQKFSVGYAVQNFNATVSTKQFQVFSEQNTSSYSAEPQLDVNYYQNDVGPFDTRIYGQAVHFVNTRDDM
PEATRVHLEPTINLPLSNNWGSINTEAKFLATHYQQTNLDWYNSRNTTKLDESVNRVMPQFKVDGKMVFERDMEMLAPGY
TQTLEPRAQYLYVPYRDQSDIYNYDSSLLQSDYSGLFRDRTYGGLDRIASANQVTTGVTSRIYDDAAVERFNISVGQIYY
FTESRTGDDNITWENDDKTGSLVWAGDTYWRISERWGLRGGIQYDTRLDNVATSNSSIEYRRDEDRLVQLNYHYASPEYI
QATLPKYYSTAEQYKNGISQVGAVASRPIADRWSIVGAYYYDTNANKQADSMLGVQYSSCCYAIRVGYERKLNGWDNDKQ
HAVYDNAIGFNIELRGLSSNYGLGTQEMLRSNILPYQNTL
;
A
2 'polypeptide(L)'
;CGWHLRDTTQVPSTMKVMILDSGDPNGPLSRAVRNQLRLNGVELLDKETTRKDVPSLRLGKVSIAKDTASVFRNGQTAEY
QMIMTVNATVLIPGRDIYPISAKVFRSFFDNPQMALAKDNEQDMIVKEMYDRAAEQLIRKLPSIRAADIRSDEEQTSTTT
DTPATPARVSTMLGNHHHHHH
;
B
3 'polypeptide(L)' ACFWPFCNWKHGCA(NH2) C
#
loop_
_chem_comp.id
_chem_comp.type
_chem_comp.name
_chem_comp.formula
A1I1D non-polymer 1-[4,7-bis(2-chloranylethanoyl)-1,4,7-triazonan-1-yl]-2-chloranyl-ethanone 'C12 H18 Cl3 N3 O3'
LMT D-saccharide DODECYL-BETA-D-MALTOSIDE 'C24 H46 O11'
NH2 non-polymer 'AMINO GROUP' 'H2 N'
#
# COMPACT_ATOMS: atom_id res chain seq x y z
N ARG A 201 -20.88 -26.26 -21.73
CA ARG A 201 -20.48 -25.39 -20.62
C ARG A 201 -20.28 -23.96 -21.13
N SER A 202 -20.05 -23.81 -22.43
CA SER A 202 -19.95 -22.50 -23.07
C SER A 202 -21.33 -22.07 -23.52
N GLY A 203 -21.82 -20.96 -22.95
CA GLY A 203 -23.14 -20.48 -23.31
C GLY A 203 -23.40 -19.12 -22.71
N PHE A 204 -24.58 -18.59 -23.04
CA PHE A 204 -24.98 -17.28 -22.54
C PHE A 204 -25.17 -17.31 -21.03
N LEU A 205 -24.68 -16.28 -20.36
CA LEU A 205 -25.02 -16.07 -18.97
C LEU A 205 -26.36 -15.37 -18.87
N ILE A 206 -26.89 -15.32 -17.66
CA ILE A 206 -28.16 -14.60 -17.44
C ILE A 206 -27.91 -13.10 -17.56
N PRO A 207 -28.75 -12.36 -18.28
CA PRO A 207 -28.46 -10.95 -18.52
C PRO A 207 -28.50 -10.11 -17.25
N ASN A 208 -27.87 -8.95 -17.35
CA ASN A 208 -27.73 -8.00 -16.26
C ASN A 208 -28.15 -6.63 -16.75
N ALA A 209 -28.73 -5.83 -15.84
CA ALA A 209 -29.17 -4.50 -16.21
C ALA A 209 -29.00 -3.54 -15.04
N LYS A 210 -28.89 -2.26 -15.40
CA LYS A 210 -28.63 -1.16 -14.50
C LYS A 210 -29.28 0.08 -15.08
N TYR A 211 -29.58 1.06 -14.22
CA TYR A 211 -30.01 2.36 -14.71
C TYR A 211 -29.17 3.35 -13.95
N THR A 212 -28.34 4.09 -14.69
CA THR A 212 -27.44 5.11 -14.20
C THR A 212 -27.96 6.50 -14.56
N THR A 213 -27.14 7.51 -14.24
CA THR A 213 -27.36 8.87 -14.66
C THR A 213 -26.31 9.35 -15.65
N THR A 214 -25.33 8.50 -15.99
CA THR A 214 -24.32 8.82 -16.98
C THR A 214 -24.43 8.00 -18.26
N ASN A 215 -24.92 6.77 -18.16
CA ASN A 215 -25.24 5.98 -19.33
C ASN A 215 -26.70 5.60 -19.39
N TYR A 216 -27.52 6.08 -18.46
CA TYR A 216 -28.94 5.78 -18.38
C TYR A 216 -29.19 4.28 -18.39
N PHE A 217 -30.20 3.79 -19.09
CA PHE A 217 -30.43 2.35 -19.14
C PHE A 217 -29.26 1.62 -19.80
N GLU A 218 -28.75 0.61 -19.09
CA GLU A 218 -27.63 -0.20 -19.50
C GLU A 218 -28.07 -1.66 -19.60
N PHE A 219 -27.40 -2.42 -20.46
CA PHE A 219 -27.74 -3.83 -20.60
C PHE A 219 -26.50 -4.65 -20.91
N TYR A 220 -26.21 -5.64 -20.07
CA TYR A 220 -25.14 -6.59 -20.31
C TYR A 220 -25.72 -7.87 -20.91
N LEU A 221 -24.99 -8.47 -21.85
CA LEU A 221 -25.35 -9.77 -22.41
C LEU A 221 -24.12 -10.67 -22.42
N PRO A 222 -23.74 -11.22 -21.27
CA PRO A 222 -22.49 -12.00 -21.21
C PRO A 222 -22.60 -13.31 -21.98
N TYR A 223 -21.45 -13.77 -22.44
CA TYR A 223 -21.32 -15.05 -23.12
C TYR A 223 -20.02 -15.71 -22.67
N TYR A 224 -20.14 -16.80 -21.92
CA TYR A 224 -18.99 -17.53 -21.42
C TYR A 224 -18.41 -18.43 -22.50
N TRP A 225 -17.16 -18.81 -22.31
CA TRP A 225 -16.45 -19.64 -23.28
C TRP A 225 -15.35 -20.39 -22.54
N ASN A 226 -15.58 -21.66 -22.26
CA ASN A 226 -14.54 -22.51 -21.70
C ASN A 226 -13.69 -23.02 -22.85
N ILE A 227 -12.53 -22.38 -23.04
CA ILE A 227 -11.65 -22.75 -24.14
C ILE A 227 -10.82 -23.96 -23.78
N ALA A 228 -10.44 -24.09 -22.52
CA ALA A 228 -9.57 -25.15 -22.04
C ALA A 228 -9.67 -25.22 -20.52
N PRO A 229 -9.10 -26.26 -19.87
CA PRO A 229 -9.07 -26.23 -18.40
C PRO A 229 -8.37 -25.02 -17.83
N ASN A 230 -7.33 -24.52 -18.51
CA ASN A 230 -6.53 -23.42 -18.00
C ASN A 230 -6.94 -22.07 -18.55
N MET A 231 -7.75 -22.01 -19.60
CA MET A 231 -8.15 -20.74 -20.20
C MET A 231 -9.67 -20.65 -20.27
N ASP A 232 -10.20 -19.48 -19.94
CA ASP A 232 -11.60 -19.19 -20.18
C ASP A 232 -11.75 -17.75 -20.62
N ALA A 233 -12.86 -17.47 -21.31
CA ALA A 233 -13.10 -16.15 -21.87
C ALA A 233 -14.58 -15.80 -21.70
N THR A 234 -14.86 -14.50 -21.78
CA THR A 234 -16.23 -14.03 -21.77
C THR A 234 -16.34 -12.80 -22.66
N ILE A 235 -17.31 -12.82 -23.56
CA ILE A 235 -17.61 -11.71 -24.45
C ILE A 235 -18.91 -11.09 -23.97
N THR A 236 -18.88 -9.80 -23.65
CA THR A 236 -20.03 -9.09 -23.09
C THR A 236 -20.37 -7.88 -23.93
N PRO A 237 -21.42 -7.96 -24.75
CA PRO A 237 -22.00 -6.73 -25.30
C PRO A 237 -22.68 -5.94 -24.19
N HIS A 238 -22.33 -4.67 -24.08
CA HIS A 238 -22.87 -3.77 -23.07
C HIS A 238 -23.52 -2.61 -23.82
N TYR A 239 -24.84 -2.69 -23.98
CA TYR A 239 -25.56 -1.60 -24.64
C TYR A 239 -25.76 -0.45 -23.67
N MET A 240 -25.34 0.75 -24.09
CA MET A 240 -25.56 1.98 -23.36
C MET A 240 -26.41 2.90 -24.22
N HIS A 241 -27.49 3.41 -23.63
CA HIS A 241 -28.52 4.15 -24.35
C HIS A 241 -28.18 5.62 -24.52
N ARG A 242 -27.71 6.26 -23.45
CA ARG A 242 -27.33 7.67 -23.55
C ARG A 242 -26.21 7.87 -24.55
N ARG A 243 -25.22 6.98 -24.52
CA ARG A 243 -24.16 6.98 -25.52
C ARG A 243 -24.59 6.30 -26.81
N GLY A 244 -25.73 5.64 -26.82
CA GLY A 244 -26.34 5.13 -28.04
C GLY A 244 -25.50 4.14 -28.80
N ASN A 245 -24.85 3.20 -28.11
CA ASN A 245 -24.00 2.24 -28.80
C ASN A 245 -23.79 1.04 -27.89
N ILE A 246 -22.86 0.18 -28.29
CA ILE A 246 -22.54 -1.04 -27.55
C ILE A 246 -21.04 -1.06 -27.28
N MET A 247 -20.67 -1.12 -26.01
CA MET A 247 -19.28 -1.37 -25.64
C MET A 247 -19.07 -2.87 -25.63
N TRP A 248 -18.15 -3.35 -26.46
CA TRP A 248 -17.80 -4.75 -26.48
C TRP A 248 -16.70 -4.98 -25.45
N GLU A 249 -17.01 -5.72 -24.40
CA GLU A 249 -16.04 -6.07 -23.39
C GLU A 249 -15.59 -7.51 -23.59
N ASN A 250 -14.31 -7.76 -23.41
CA ASN A 250 -13.78 -9.11 -23.59
C ASN A 250 -12.84 -9.40 -22.43
N GLU A 251 -13.14 -10.43 -21.67
CA GLU A 251 -12.24 -10.88 -20.61
C GLU A 251 -11.68 -12.24 -20.96
N PHE A 252 -10.42 -12.46 -20.56
CA PHE A 252 -9.69 -13.68 -20.85
C PHE A 252 -8.85 -14.00 -19.61
N ARG A 253 -9.23 -15.04 -18.88
CA ARG A 253 -8.48 -15.48 -17.70
C ARG A 253 -7.73 -16.75 -18.03
N TYR A 254 -6.47 -16.80 -17.63
CA TYR A 254 -5.61 -17.94 -17.94
C TYR A 254 -4.76 -18.30 -16.73
N LEU A 255 -4.53 -19.60 -16.58
CA LEU A 255 -3.57 -20.15 -15.63
C LEU A 255 -2.50 -20.88 -16.43
N SER A 256 -1.24 -20.53 -16.19
CA SER A 256 -0.13 -21.08 -16.96
C SER A 256 1.01 -21.42 -16.03
N GLN A 257 2.09 -21.94 -16.62
CA GLN A 257 3.31 -22.20 -15.85
C GLN A 257 3.89 -20.92 -15.30
N ALA A 258 3.84 -19.83 -16.08
CA ALA A 258 4.39 -18.56 -15.64
C ALA A 258 3.59 -17.96 -14.49
N GLY A 259 2.31 -18.24 -14.41
CA GLY A 259 1.49 -17.72 -13.34
C GLY A 259 0.05 -17.56 -13.79
N ALA A 260 -0.69 -16.72 -13.09
CA ALA A 260 -2.10 -16.51 -13.37
C ALA A 260 -2.34 -15.09 -13.86
N GLY A 261 -3.21 -14.95 -14.86
CA GLY A 261 -3.45 -13.64 -15.44
C GLY A 261 -4.86 -13.45 -15.95
N LEU A 262 -5.23 -12.17 -16.06
CA LEU A 262 -6.50 -11.72 -16.59
C LEU A 262 -6.26 -10.57 -17.56
N MET A 263 -6.89 -10.64 -18.73
CA MET A 263 -6.83 -9.59 -19.72
C MET A 263 -8.24 -9.09 -20.01
N GLU A 264 -8.39 -7.78 -20.13
CA GLU A 264 -9.67 -7.16 -20.46
C GLU A 264 -9.46 -6.16 -21.58
N LEU A 265 -10.36 -6.21 -22.56
CA LEU A 265 -10.36 -5.25 -23.66
C LEU A 265 -11.78 -4.75 -23.85
N ASP A 266 -12.02 -3.48 -23.54
CA ASP A 266 -13.32 -2.84 -23.71
C ASP A 266 -13.23 -1.83 -24.84
N TYR A 267 -14.14 -1.92 -25.79
CA TYR A 267 -14.11 -1.05 -26.96
C TYR A 267 -15.50 -0.53 -27.26
N LEU A 268 -15.67 0.78 -27.17
CA LEU A 268 -16.89 1.46 -27.61
C LEU A 268 -16.59 2.19 -28.91
N PRO A 269 -17.11 1.71 -30.04
CA PRO A 269 -16.71 2.28 -31.34
C PRO A 269 -17.02 3.75 -31.50
N SER A 270 -18.12 4.24 -30.94
CA SER A 270 -18.45 5.65 -31.01
C SER A 270 -19.30 6.02 -29.82
N ASP A 271 -19.21 7.30 -29.43
CA ASP A 271 -19.90 7.81 -28.26
C ASP A 271 -20.53 9.14 -28.60
N LYS A 272 -21.78 9.34 -28.16
CA LYS A 272 -22.48 10.59 -28.41
C LYS A 272 -22.18 11.66 -27.39
N VAL A 273 -22.11 11.28 -26.10
CA VAL A 273 -21.83 12.27 -25.07
C VAL A 273 -20.44 12.84 -25.24
N TYR A 274 -19.45 11.98 -25.51
CA TYR A 274 -18.09 12.45 -25.71
C TYR A 274 -18.00 13.32 -26.95
N GLU A 275 -18.73 12.97 -28.00
CA GLU A 275 -18.75 13.80 -29.20
C GLU A 275 -19.34 15.17 -28.91
N ASP A 276 -20.43 15.21 -28.13
CA ASP A 276 -21.04 16.50 -27.79
C ASP A 276 -20.10 17.36 -26.95
N GLU A 277 -19.43 16.76 -25.96
CA GLU A 277 -18.55 17.54 -25.11
C GLU A 277 -17.20 17.82 -25.75
N HIS A 278 -16.90 17.19 -26.88
CA HIS A 278 -15.69 17.48 -27.66
C HIS A 278 -16.07 17.59 -29.13
N PRO A 279 -16.77 18.67 -29.51
CA PRO A 279 -17.24 18.79 -30.91
C PRO A 279 -16.10 18.83 -31.92
N ASN A 280 -14.96 19.41 -31.58
CA ASN A 280 -13.86 19.58 -32.52
C ASN A 280 -12.90 18.41 -32.53
N ASP A 281 -13.12 17.40 -31.68
CA ASP A 281 -12.20 16.28 -31.60
C ASP A 281 -12.28 15.40 -32.85
N ASP A 282 -11.19 14.67 -33.11
CA ASP A 282 -11.11 13.86 -34.32
C ASP A 282 -12.09 12.69 -34.28
N SER A 283 -12.19 12.01 -33.14
CA SER A 283 -13.02 10.82 -33.03
C SER A 283 -13.62 10.75 -31.63
N SER A 284 -14.68 9.94 -31.51
CA SER A 284 -15.39 9.79 -30.25
C SER A 284 -15.34 8.38 -29.70
N ARG A 285 -14.46 7.52 -30.23
CA ARG A 285 -14.35 6.17 -29.72
C ARG A 285 -13.74 6.15 -28.33
N ARG A 286 -14.09 5.13 -27.55
CA ARG A 286 -13.52 4.94 -26.23
C ARG A 286 -13.00 3.51 -26.12
N TRP A 287 -11.95 3.32 -25.32
CA TRP A 287 -11.40 1.98 -25.17
C TRP A 287 -10.59 1.91 -23.88
N LEU A 288 -10.50 0.69 -23.36
CA LEU A 288 -9.70 0.37 -22.20
C LEU A 288 -9.02 -0.97 -22.41
N PHE A 289 -7.74 -1.04 -22.05
CA PHE A 289 -6.99 -2.29 -22.07
C PHE A 289 -6.40 -2.50 -20.68
N TYR A 290 -6.71 -3.64 -20.08
CA TYR A 290 -6.19 -4.01 -18.77
C TYR A 290 -5.54 -5.37 -18.87
N TRP A 291 -4.42 -5.53 -18.17
CA TRP A 291 -3.68 -6.80 -18.20
C TRP A 291 -2.99 -6.97 -16.86
N ASN A 292 -3.44 -7.94 -16.08
CA ASN A 292 -2.84 -8.28 -14.81
C ASN A 292 -2.31 -9.69 -14.88
N HIS A 293 -1.11 -9.92 -14.33
CA HIS A 293 -0.52 -11.25 -14.37
C HIS A 293 0.49 -11.36 -13.25
N SER A 294 0.23 -12.24 -12.30
CA SER A 294 1.18 -12.48 -11.22
C SER A 294 1.54 -13.95 -11.21
N GLY A 295 2.83 -14.26 -11.06
CA GLY A 295 3.22 -15.65 -10.94
C GLY A 295 4.69 -15.93 -10.68
N VAL A 296 4.96 -17.01 -9.96
CA VAL A 296 6.32 -17.45 -9.69
C VAL A 296 6.50 -18.85 -10.25
N MET A 297 7.60 -19.06 -10.95
CA MET A 297 7.88 -20.29 -11.67
C MET A 297 9.20 -20.86 -11.19
N ASP A 298 9.18 -22.15 -10.89
CA ASP A 298 10.31 -22.91 -10.34
C ASP A 298 10.88 -22.28 -9.08
N GLN A 299 10.06 -21.50 -8.37
CA GLN A 299 10.38 -20.86 -7.10
C GLN A 299 11.44 -19.77 -7.25
N VAL A 300 11.91 -19.49 -8.46
CA VAL A 300 12.96 -18.49 -8.66
C VAL A 300 12.51 -17.36 -9.57
N TRP A 301 11.81 -17.67 -10.66
CA TRP A 301 11.45 -16.64 -11.64
C TRP A 301 10.11 -16.00 -11.29
N ARG A 302 10.13 -14.69 -11.03
CA ARG A 302 8.93 -13.94 -10.64
C ARG A 302 8.52 -13.02 -11.78
N PHE A 303 7.28 -13.18 -12.26
CA PHE A 303 6.74 -12.39 -13.36
C PHE A 303 5.54 -11.60 -12.86
N ASN A 304 5.59 -10.28 -13.05
CA ASN A 304 4.52 -9.38 -12.64
C ASN A 304 4.20 -8.42 -13.78
N VAL A 305 2.92 -8.32 -14.12
CA VAL A 305 2.43 -7.43 -15.16
C VAL A 305 1.20 -6.73 -14.63
N ASP A 306 1.17 -5.39 -14.72
CA ASP A 306 0.01 -4.60 -14.33
C ASP A 306 -0.10 -3.43 -15.31
N TYR A 307 -0.83 -3.63 -16.40
CA TYR A 307 -0.93 -2.65 -17.47
C TYR A 307 -2.37 -2.14 -17.51
N THR A 308 -2.52 -0.81 -17.54
CA THR A 308 -3.84 -0.21 -17.74
C THR A 308 -3.69 0.98 -18.67
N LYS A 309 -4.36 0.94 -19.80
CA LYS A 309 -4.37 2.05 -20.75
C LYS A 309 -5.80 2.42 -21.07
N VAL A 310 -6.07 3.72 -21.10
CA VAL A 310 -7.38 4.25 -21.44
C VAL A 310 -7.21 5.31 -22.52
N SER A 311 -8.30 5.61 -23.21
CA SER A 311 -8.25 6.54 -24.33
C SER A 311 -8.30 8.01 -23.89
N ASP A 312 -8.83 8.29 -22.70
CA ASP A 312 -9.02 9.67 -22.27
C ASP A 312 -9.09 9.70 -20.76
N PRO A 313 -8.85 10.87 -20.14
CA PRO A 313 -8.91 10.93 -18.67
C PRO A 313 -10.27 10.62 -18.09
N SER A 314 -11.35 10.79 -18.85
CA SER A 314 -12.70 10.71 -18.32
C SER A 314 -13.29 9.30 -18.41
N TYR A 315 -12.49 8.30 -18.74
CA TYR A 315 -13.03 6.96 -18.97
C TYR A 315 -13.62 6.37 -17.69
N PHE A 316 -12.88 6.45 -16.59
CA PHE A 316 -13.32 5.80 -15.36
C PHE A 316 -14.60 6.42 -14.82
N ASN A 317 -14.74 7.73 -14.92
CA ASN A 317 -15.96 8.37 -14.45
C ASN A 317 -17.16 7.96 -15.30
N ASP A 318 -16.96 7.70 -16.59
CA ASP A 318 -18.05 7.48 -17.52
C ASP A 318 -18.46 6.02 -17.68
N PHE A 319 -17.73 5.07 -17.09
CA PHE A 319 -18.04 3.66 -17.29
C PHE A 319 -17.75 2.86 -16.03
N ASP A 320 -18.00 1.56 -16.15
CA ASP A 320 -18.02 0.65 -15.01
C ASP A 320 -16.68 0.60 -14.29
N ASN A 321 -16.72 0.14 -13.04
CA ASN A 321 -15.55 0.18 -12.16
C ASN A 321 -15.07 -1.21 -11.77
N LYS A 322 -15.01 -2.14 -12.73
CA LYS A 322 -14.49 -3.47 -12.42
C LYS A 322 -13.01 -3.41 -12.05
N TYR A 323 -12.17 -2.86 -12.93
CA TYR A 323 -10.74 -2.75 -12.71
C TYR A 323 -10.27 -1.31 -12.59
N GLY A 324 -11.17 -0.35 -12.77
CA GLY A 324 -10.86 1.03 -12.54
C GLY A 324 -11.74 1.63 -11.47
N SER A 325 -11.47 2.89 -11.17
CA SER A 325 -12.24 3.61 -10.17
C SER A 325 -12.27 5.07 -10.55
N SER A 326 -13.44 5.69 -10.39
CA SER A 326 -13.54 7.11 -10.63
C SER A 326 -12.61 7.90 -9.72
N THR A 327 -12.24 7.34 -8.58
CA THR A 327 -11.36 8.00 -7.64
C THR A 327 -9.91 8.06 -8.13
N ASP A 328 -9.55 7.20 -9.08
CA ASP A 328 -8.16 7.15 -9.54
C ASP A 328 -7.77 8.45 -10.22
N GLY A 329 -6.59 8.96 -9.85
CA GLY A 329 -6.03 10.12 -10.50
C GLY A 329 -5.13 9.81 -11.66
N TYR A 330 -4.73 8.55 -11.81
CA TYR A 330 -3.86 8.13 -12.90
C TYR A 330 -3.97 6.62 -13.05
N ALA A 331 -3.51 6.13 -14.21
CA ALA A 331 -3.43 4.71 -14.49
C ALA A 331 -1.97 4.29 -14.57
N THR A 332 -1.70 3.04 -14.21
CA THR A 332 -0.35 2.53 -14.10
C THR A 332 -0.08 1.44 -15.12
N GLN A 333 1.18 1.34 -15.54
CA GLN A 333 1.61 0.41 -16.59
C GLN A 333 2.99 -0.09 -16.19
N LYS A 334 3.03 -1.25 -15.53
CA LYS A 334 4.25 -1.79 -14.95
C LYS A 334 4.51 -3.20 -15.47
N PHE A 335 5.77 -3.46 -15.80
CA PHE A 335 6.23 -4.80 -16.14
C PHE A 335 7.42 -5.13 -15.26
N SER A 336 7.55 -6.39 -14.89
CA SER A 336 8.61 -6.79 -13.97
C SER A 336 8.96 -8.25 -14.17
N VAL A 337 10.25 -8.51 -14.42
CA VAL A 337 10.78 -9.86 -14.51
C VAL A 337 11.94 -9.96 -13.53
N GLY A 338 11.88 -10.91 -12.61
CA GLY A 338 12.88 -11.01 -11.56
C GLY A 338 13.32 -12.43 -11.32
N TYR A 339 14.50 -12.54 -10.73
CA TYR A 339 15.10 -13.81 -10.33
C TYR A 339 15.49 -13.70 -8.87
N ALA A 340 14.91 -14.54 -8.02
CA ALA A 340 15.12 -14.46 -6.58
C ALA A 340 15.50 -15.83 -6.03
N VAL A 341 16.59 -15.87 -5.27
CA VAL A 341 17.01 -17.03 -4.50
C VAL A 341 17.21 -16.54 -3.07
N GLN A 342 17.75 -17.40 -2.20
CA GLN A 342 17.74 -17.11 -0.77
C GLN A 342 18.54 -15.86 -0.42
N ASN A 343 19.73 -15.70 -1.03
N ASN A 343 19.73 -15.70 -1.02
CA ASN A 343 20.63 -14.61 -0.67
CA ASN A 343 20.61 -14.60 -0.67
C ASN A 343 20.87 -13.65 -1.83
C ASN A 343 20.90 -13.68 -1.85
N PHE A 344 20.06 -13.70 -2.88
CA PHE A 344 20.24 -12.85 -4.04
C PHE A 344 18.90 -12.62 -4.69
N ASN A 345 18.69 -11.41 -5.21
CA ASN A 345 17.55 -11.19 -6.09
C ASN A 345 17.88 -10.04 -7.04
N ALA A 346 17.34 -10.15 -8.25
CA ALA A 346 17.50 -9.15 -9.28
C ALA A 346 16.17 -8.98 -9.98
N THR A 347 15.95 -7.81 -10.58
CA THR A 347 14.68 -7.52 -11.20
C THR A 347 14.86 -6.43 -12.25
N VAL A 348 14.38 -6.67 -13.47
CA VAL A 348 14.29 -5.65 -14.49
C VAL A 348 12.82 -5.24 -14.61
N SER A 349 12.56 -3.95 -14.55
CA SER A 349 11.21 -3.44 -14.44
C SER A 349 11.03 -2.21 -15.30
N THR A 350 9.81 -2.02 -15.78
CA THR A 350 9.40 -0.86 -16.56
C THR A 350 8.21 -0.23 -15.86
N LYS A 351 8.25 1.08 -15.64
CA LYS A 351 7.16 1.82 -15.02
C LYS A 351 6.73 2.95 -15.94
N GLN A 352 5.42 3.05 -16.17
CA GLN A 352 4.85 4.12 -16.96
C GLN A 352 3.51 4.50 -16.34
N PHE A 353 3.11 5.75 -16.52
CA PHE A 353 1.88 6.25 -15.92
C PHE A 353 1.14 7.14 -16.89
N GLN A 354 -0.18 7.07 -16.83
CA GLN A 354 -1.08 7.91 -17.61
C GLN A 354 -1.90 8.72 -16.62
N VAL A 355 -1.47 9.95 -16.37
CA VAL A 355 -2.14 10.80 -15.41
C VAL A 355 -3.41 11.37 -16.03
N PHE A 356 -4.49 11.36 -15.27
CA PHE A 356 -5.78 11.86 -15.73
C PHE A 356 -5.96 13.35 -15.47
N SER A 357 -5.01 14.00 -14.80
CA SER A 357 -5.14 15.40 -14.43
C SER A 357 -4.87 16.28 -15.66
N GLU A 358 -5.86 17.11 -16.01
CA GLU A 358 -5.70 17.98 -17.18
C GLU A 358 -4.68 19.08 -16.92
N GLN A 359 -4.56 19.54 -15.66
CA GLN A 359 -3.70 20.68 -15.37
C GLN A 359 -2.24 20.38 -15.69
N ASN A 360 -1.76 19.20 -15.29
CA ASN A 360 -0.38 18.80 -15.60
C ASN A 360 -0.34 17.28 -15.71
N THR A 361 -0.46 16.78 -16.94
CA THR A 361 -0.34 15.35 -17.15
C THR A 361 1.10 14.87 -17.00
N SER A 362 2.07 15.75 -17.25
CA SER A 362 3.49 15.40 -17.31
C SER A 362 3.92 14.52 -16.15
N SER A 363 4.46 13.36 -16.47
CA SER A 363 4.91 12.39 -15.49
C SER A 363 6.21 11.75 -15.96
N TYR A 364 7.03 11.34 -15.01
CA TYR A 364 8.27 10.67 -15.29
C TYR A 364 8.07 9.16 -15.28
N SER A 365 8.76 8.49 -16.18
CA SER A 365 8.67 7.04 -16.32
C SER A 365 10.07 6.46 -16.19
N ALA A 366 10.18 5.42 -15.36
CA ALA A 366 11.41 4.64 -15.20
C ALA A 366 11.33 3.44 -16.14
N GLU A 367 11.59 3.68 -17.42
CA GLU A 367 11.37 2.62 -18.41
C GLU A 367 12.31 1.45 -18.20
N PRO A 368 13.63 1.61 -18.16
CA PRO A 368 14.45 0.53 -17.57
C PRO A 368 14.74 0.76 -16.09
N GLN A 369 14.59 -0.27 -15.27
CA GLN A 369 15.01 -0.23 -13.87
C GLN A 369 15.51 -1.59 -13.44
N LEU A 370 16.66 -1.63 -12.78
CA LEU A 370 17.28 -2.85 -12.32
C LEU A 370 17.48 -2.77 -10.82
N ASP A 371 17.08 -3.82 -10.09
CA ASP A 371 17.17 -3.86 -8.64
C ASP A 371 17.91 -5.12 -8.22
N VAL A 372 19.21 -5.00 -7.95
CA VAL A 372 20.04 -6.13 -7.57
C VAL A 372 20.32 -6.04 -6.07
N ASN A 373 19.99 -7.09 -5.34
CA ASN A 373 20.29 -7.21 -3.92
C ASN A 373 21.13 -8.44 -3.66
N TYR A 374 22.00 -8.35 -2.64
CA TYR A 374 22.75 -9.51 -2.18
C TYR A 374 22.90 -9.43 -0.67
N TYR A 375 22.69 -10.57 -0.01
CA TYR A 375 22.75 -10.66 1.44
C TYR A 375 23.79 -11.70 1.82
N GLN A 376 24.67 -11.36 2.76
CA GLN A 376 25.67 -12.29 3.28
C GLN A 376 25.63 -12.17 4.80
N ASN A 377 24.85 -13.04 5.42
CA ASN A 377 24.73 -13.05 6.86
C ASN A 377 25.85 -13.86 7.49
N ASP A 378 26.05 -13.65 8.79
CA ASP A 378 27.02 -14.40 9.58
C ASP A 378 28.45 -14.21 9.07
N VAL A 379 28.77 -12.98 8.65
CA VAL A 379 30.15 -12.63 8.32
C VAL A 379 30.81 -12.21 9.63
N GLY A 380 31.31 -13.19 10.37
CA GLY A 380 31.74 -12.97 11.72
C GLY A 380 30.57 -12.51 12.56
N PRO A 381 30.81 -11.55 13.46
CA PRO A 381 29.68 -10.96 14.19
C PRO A 381 28.74 -10.19 13.28
N PHE A 382 29.27 -9.53 12.26
CA PHE A 382 28.49 -8.63 11.42
C PHE A 382 27.67 -9.39 10.39
N ASP A 383 26.61 -8.74 9.92
CA ASP A 383 25.79 -9.20 8.80
C ASP A 383 25.84 -8.15 7.71
N THR A 384 26.01 -8.59 6.46
CA THR A 384 26.27 -7.66 5.37
C THR A 384 25.20 -7.75 4.29
N ARG A 385 25.06 -6.65 3.56
CA ARG A 385 24.03 -6.52 2.53
C ARG A 385 24.51 -5.47 1.53
N ILE A 386 24.08 -5.63 0.28
CA ILE A 386 24.45 -4.74 -0.80
C ILE A 386 23.26 -4.54 -1.73
N TYR A 387 23.05 -3.30 -2.16
CA TYR A 387 21.95 -2.98 -3.07
C TYR A 387 22.48 -2.18 -4.25
N GLY A 388 21.98 -2.51 -5.43
CA GLY A 388 22.38 -1.83 -6.65
C GLY A 388 21.18 -1.50 -7.50
N GLN A 389 21.30 -0.41 -8.25
CA GLN A 389 20.19 0.05 -9.09
C GLN A 389 20.73 0.79 -10.30
N ALA A 390 20.06 0.60 -11.43
CA ALA A 390 20.33 1.37 -12.64
C ALA A 390 18.99 1.72 -13.26
N VAL A 391 18.74 2.99 -13.50
CA VAL A 391 17.43 3.43 -13.97
C VAL A 391 17.61 4.53 -15.00
N HIS A 392 16.71 4.55 -15.99
CA HIS A 392 16.64 5.62 -16.97
C HIS A 392 15.28 6.27 -16.87
N PHE A 393 15.26 7.56 -16.55
CA PHE A 393 14.06 8.36 -16.37
C PHE A 393 13.82 9.18 -17.63
N VAL A 394 12.64 9.01 -18.22
CA VAL A 394 12.19 9.80 -19.36
C VAL A 394 10.86 10.46 -19.02
N ASN A 395 10.67 11.68 -19.50
CA ASN A 395 9.42 12.38 -19.33
C ASN A 395 8.60 12.34 -20.62
N THR A 396 7.29 12.50 -20.46
CA THR A 396 6.42 12.59 -21.63
C THR A 396 6.65 13.88 -22.40
N ARG A 397 6.99 14.96 -21.70
CA ARG A 397 7.33 16.21 -22.36
C ARG A 397 8.67 16.11 -23.09
N ASP A 398 8.84 16.96 -24.09
CA ASP A 398 10.06 17.03 -24.87
C ASP A 398 11.00 18.11 -24.36
N ASP A 399 10.67 18.72 -23.22
CA ASP A 399 11.50 19.78 -22.66
C ASP A 399 11.75 19.59 -21.17
N MET A 400 11.50 18.44 -20.63
CA MET A 400 11.78 18.13 -19.24
C MET A 400 13.09 17.36 -19.13
N PRO A 401 13.73 17.44 -17.96
CA PRO A 401 15.01 16.75 -17.77
C PRO A 401 14.88 15.24 -17.98
N GLU A 402 15.96 14.65 -18.48
CA GLU A 402 16.04 13.22 -18.72
C GLU A 402 17.30 12.73 -18.04
N ALA A 403 17.20 11.59 -17.33
CA ALA A 403 18.41 11.21 -16.60
C ALA A 403 18.57 9.72 -16.50
N THR A 404 19.83 9.30 -16.48
CA THR A 404 20.19 7.95 -16.12
C THR A 404 20.91 7.99 -14.78
N ARG A 405 20.54 7.08 -13.88
CA ARG A 405 21.05 7.05 -12.52
C ARG A 405 21.60 5.67 -12.20
N VAL A 406 22.79 5.63 -11.62
CA VAL A 406 23.40 4.39 -11.17
C VAL A 406 23.68 4.54 -9.69
N HIS A 407 23.15 3.61 -8.90
CA HIS A 407 23.22 3.69 -7.44
C HIS A 407 23.77 2.40 -6.86
N LEU A 408 24.62 2.53 -5.85
CA LEU A 408 25.21 1.39 -5.16
C LEU A 408 25.30 1.71 -3.67
N GLU A 409 24.86 0.78 -2.84
CA GLU A 409 25.03 1.01 -1.41
C GLU A 409 25.42 -0.28 -0.66
N PRO A 410 26.60 -0.30 -0.06
CA PRO A 410 26.92 -1.35 0.90
C PRO A 410 26.37 -1.05 2.29
N THR A 411 26.16 -2.11 3.04
CA THR A 411 25.50 -2.07 4.34
C THR A 411 26.12 -3.12 5.24
N ILE A 412 26.54 -2.72 6.44
CA ILE A 412 27.07 -3.66 7.42
C ILE A 412 26.42 -3.36 8.78
N ASN A 413 25.86 -4.39 9.40
CA ASN A 413 25.14 -4.19 10.65
C ASN A 413 25.52 -5.25 11.67
N LEU A 414 25.68 -4.81 12.92
CA LEU A 414 25.96 -5.69 14.04
C LEU A 414 24.75 -5.80 14.94
N PRO A 415 24.06 -6.95 14.97
CA PRO A 415 22.97 -7.17 15.93
C PRO A 415 23.41 -7.88 17.20
N LEU A 416 23.04 -7.34 18.37
CA LEU A 416 23.30 -7.99 19.65
C LEU A 416 22.01 -8.01 20.45
N SER A 417 21.60 -9.19 20.89
CA SER A 417 20.30 -9.33 21.53
C SER A 417 20.42 -10.21 22.77
N ASN A 418 19.57 -9.91 23.74
CA ASN A 418 19.41 -10.65 24.98
C ASN A 418 17.94 -11.06 25.13
N ASN A 419 17.59 -11.56 26.31
CA ASN A 419 16.21 -11.86 26.58
C ASN A 419 15.35 -10.61 26.78
N TRP A 420 15.99 -9.47 27.04
CA TRP A 420 15.23 -8.25 27.34
C TRP A 420 15.65 -7.09 26.46
N GLY A 421 16.89 -7.09 25.99
CA GLY A 421 17.43 -5.97 25.25
C GLY A 421 17.86 -6.36 23.85
N SER A 422 17.81 -5.38 22.94
CA SER A 422 18.26 -5.57 21.57
C SER A 422 18.91 -4.28 21.11
N ILE A 423 20.20 -4.36 20.77
CA ILE A 423 20.97 -3.22 20.28
C ILE A 423 21.53 -3.58 18.91
N ASN A 424 21.30 -2.72 17.93
CA ASN A 424 21.73 -2.98 16.56
C ASN A 424 22.42 -1.74 16.02
N THR A 425 23.66 -1.90 15.56
CA THR A 425 24.36 -0.81 14.91
C THR A 425 24.44 -1.07 13.41
N GLU A 426 24.42 0.00 12.63
CA GLU A 426 24.32 -0.15 11.19
C GLU A 426 25.07 0.98 10.49
N ALA A 427 25.80 0.63 9.43
CA ALA A 427 26.54 1.59 8.63
C ALA A 427 26.28 1.34 7.17
N LYS A 428 25.84 2.38 6.46
CA LYS A 428 25.57 2.32 5.03
C LYS A 428 26.45 3.32 4.29
N PHE A 429 26.69 3.02 3.02
CA PHE A 429 27.50 3.90 2.16
C PHE A 429 26.79 4.08 0.82
N LEU A 430 26.04 5.17 0.68
CA LEU A 430 25.28 5.43 -0.54
C LEU A 430 26.16 6.13 -1.56
N ALA A 431 26.15 5.63 -2.79
CA ALA A 431 26.90 6.25 -3.89
C ALA A 431 25.99 6.31 -5.11
N THR A 432 25.80 7.51 -5.63
CA THR A 432 24.90 7.72 -6.76
C THR A 432 25.59 8.55 -7.83
N HIS A 433 25.40 8.16 -9.08
CA HIS A 433 25.90 8.89 -10.24
C HIS A 433 24.73 9.20 -11.15
N TYR A 434 24.57 10.49 -11.46
CA TYR A 434 23.53 10.99 -12.34
C TYR A 434 24.16 11.51 -13.62
N GLN A 435 23.62 11.09 -14.76
CA GLN A 435 23.90 11.66 -16.07
C GLN A 435 22.59 12.24 -16.59
N GLN A 436 22.49 13.57 -16.59
CA GLN A 436 21.27 14.27 -16.99
C GLN A 436 21.47 14.97 -18.33
N THR A 437 20.45 14.89 -19.17
CA THR A 437 20.46 15.51 -20.49
C THR A 437 19.12 16.20 -20.73
N ASN A 438 19.12 17.05 -21.75
CA ASN A 438 17.97 17.85 -22.15
C ASN A 438 17.54 18.80 -21.03
N LEU A 439 18.49 19.63 -20.61
CA LEU A 439 18.32 20.50 -19.46
C LEU A 439 18.31 21.98 -19.82
N ASP A 440 18.30 22.33 -21.11
CA ASP A 440 18.33 23.74 -21.48
C ASP A 440 17.06 24.46 -21.03
N TRP A 441 15.91 23.83 -21.21
CA TRP A 441 14.64 24.50 -20.90
C TRP A 441 14.51 24.79 -19.41
N TYR A 442 14.91 23.84 -18.57
CA TYR A 442 14.85 24.06 -17.13
C TYR A 442 15.76 25.21 -16.70
N ASN A 443 16.97 25.27 -17.24
CA ASN A 443 17.90 26.32 -16.85
C ASN A 443 17.55 27.66 -17.46
N SER A 444 16.73 27.69 -18.51
CA SER A 444 16.30 28.96 -19.07
C SER A 444 15.20 29.62 -18.26
N ARG A 445 14.63 28.93 -17.27
CA ARG A 445 13.51 29.45 -16.50
C ARG A 445 13.77 29.54 -15.01
N ASN A 446 14.60 28.67 -14.45
CA ASN A 446 14.85 28.64 -13.01
C ASN A 446 16.27 29.08 -12.71
N THR A 447 16.45 29.80 -11.60
CA THR A 447 17.77 30.29 -11.25
C THR A 447 18.72 29.16 -10.84
N THR A 448 18.18 28.07 -10.30
CA THR A 448 18.99 26.90 -10.00
C THR A 448 19.31 26.15 -11.28
N LYS A 449 20.58 25.82 -11.46
CA LYS A 449 21.04 25.18 -12.69
C LYS A 449 21.27 23.70 -12.45
N LEU A 450 20.75 22.87 -13.35
CA LEU A 450 20.95 21.43 -13.28
C LEU A 450 22.26 21.06 -13.95
N ASP A 451 23.03 20.19 -13.29
CA ASP A 451 24.30 19.73 -13.83
C ASP A 451 24.11 18.46 -14.65
N GLU A 452 25.02 18.25 -15.60
CA GLU A 452 24.96 17.07 -16.45
C GLU A 452 25.47 15.83 -15.73
N SER A 453 26.43 15.98 -14.82
CA SER A 453 26.99 14.87 -14.07
C SER A 453 26.94 15.21 -12.59
N VAL A 454 26.42 14.30 -11.79
CA VAL A 454 26.34 14.51 -10.34
C VAL A 454 26.80 13.23 -9.64
N ASN A 455 27.71 13.37 -8.68
CA ASN A 455 28.16 12.26 -7.85
C ASN A 455 27.84 12.60 -6.40
N ARG A 456 27.07 11.74 -5.75
CA ARG A 456 26.69 11.95 -4.35
C ARG A 456 27.11 10.73 -3.55
N VAL A 457 27.94 10.94 -2.54
CA VAL A 457 28.60 9.86 -1.82
C VAL A 457 28.51 10.12 -0.33
N MET A 458 27.57 9.45 0.35
CA MET A 458 27.39 9.79 1.76
C MET A 458 27.32 8.55 2.65
N PRO A 459 27.84 8.64 3.86
CA PRO A 459 27.65 7.56 4.84
C PRO A 459 26.41 7.78 5.68
N GLN A 460 25.92 6.68 6.26
CA GLN A 460 24.81 6.70 7.18
C GLN A 460 25.16 5.86 8.40
N PHE A 461 25.05 6.45 9.58
CA PHE A 461 25.26 5.75 10.84
C PHE A 461 23.92 5.67 11.58
N LYS A 462 23.54 4.46 11.98
CA LYS A 462 22.28 4.25 12.67
C LYS A 462 22.50 3.36 13.88
N VAL A 463 21.86 3.71 14.99
CA VAL A 463 21.88 2.89 16.19
C VAL A 463 20.45 2.72 16.68
N ASP A 464 20.03 1.47 16.87
CA ASP A 464 18.71 1.13 17.39
C ASP A 464 18.87 0.39 18.70
N GLY A 465 18.01 0.71 19.67
CA GLY A 465 18.01 -0.01 20.91
C GLY A 465 16.60 -0.20 21.44
N LYS A 466 16.32 -1.34 22.04
CA LYS A 466 14.98 -1.56 22.59
C LYS A 466 15.08 -2.46 23.82
N MET A 467 14.20 -2.19 24.78
CA MET A 467 14.10 -2.96 26.00
C MET A 467 12.72 -3.59 26.10
N VAL A 468 12.61 -4.60 26.96
CA VAL A 468 11.32 -5.24 27.23
C VAL A 468 11.15 -5.43 28.73
N PHE A 469 10.38 -4.54 29.36
CA PHE A 469 9.99 -4.67 30.75
C PHE A 469 8.66 -5.40 30.82
N GLU A 470 8.45 -6.15 31.91
CA GLU A 470 7.23 -6.93 32.06
C GLU A 470 6.73 -6.84 33.49
N ARG A 471 5.41 -6.92 33.64
CA ARG A 471 4.79 -6.97 34.95
C ARG A 471 3.51 -7.80 34.84
N ASP A 472 3.04 -8.28 35.98
CA ASP A 472 1.84 -9.08 36.06
C ASP A 472 0.72 -8.25 36.66
N MET A 473 -0.26 -7.88 35.82
CA MET A 473 -1.43 -7.19 36.33
C MET A 473 -2.20 -8.12 37.27
N GLU A 474 -2.49 -7.64 38.47
CA GLU A 474 -3.19 -8.46 39.46
C GLU A 474 -4.53 -7.85 39.84
N MET A 475 -4.56 -6.60 40.30
CA MET A 475 -5.82 -5.98 40.69
C MET A 475 -6.73 -5.80 39.48
N LEU A 476 -6.18 -5.36 38.36
CA LEU A 476 -6.99 -5.08 37.19
C LEU A 476 -7.60 -6.35 36.61
N ALA A 477 -6.81 -7.43 36.54
CA ALA A 477 -7.29 -8.69 35.99
C ALA A 477 -6.39 -9.79 36.49
N PRO A 478 -6.90 -11.02 36.63
CA PRO A 478 -6.06 -12.12 37.11
C PRO A 478 -5.27 -12.74 35.95
N GLY A 479 -3.97 -12.95 36.18
CA GLY A 479 -3.13 -13.61 35.21
C GLY A 479 -2.98 -12.86 33.91
N TYR A 480 -3.03 -11.54 33.95
CA TYR A 480 -2.84 -10.70 32.77
C TYR A 480 -1.46 -10.07 32.85
N THR A 481 -0.73 -10.07 31.74
CA THR A 481 0.64 -9.60 31.72
C THR A 481 0.76 -8.34 30.88
N GLN A 482 1.34 -7.30 31.46
CA GLN A 482 1.59 -6.05 30.75
C GLN A 482 3.06 -5.94 30.39
N THR A 483 3.33 -5.48 29.18
CA THR A 483 4.68 -5.36 28.66
C THR A 483 4.93 -3.92 28.25
N LEU A 484 6.04 -3.36 28.74
CA LEU A 484 6.45 -1.99 28.45
C LEU A 484 7.74 -2.05 27.64
N GLU A 485 7.69 -1.59 26.40
CA GLU A 485 8.83 -1.66 25.49
C GLU A 485 9.30 -0.26 25.14
N PRO A 486 10.39 0.22 25.72
CA PRO A 486 11.02 1.45 25.23
C PRO A 486 11.93 1.16 24.04
N ARG A 487 11.99 2.13 23.14
CA ARG A 487 12.76 2.01 21.91
C ARG A 487 13.39 3.35 21.60
N ALA A 488 14.68 3.35 21.28
CA ALA A 488 15.40 4.57 20.98
C ALA A 488 16.24 4.35 19.72
N GLN A 489 16.47 5.44 19.00
CA GLN A 489 17.26 5.36 17.76
C GLN A 489 18.00 6.66 17.54
N TYR A 490 19.26 6.57 17.14
CA TYR A 490 20.03 7.72 16.70
C TYR A 490 20.39 7.53 15.24
N LEU A 491 20.18 8.57 14.45
CA LEU A 491 20.53 8.55 13.03
C LEU A 491 21.38 9.76 12.69
N TYR A 492 22.45 9.50 11.93
CA TYR A 492 23.35 10.53 11.42
C TYR A 492 23.58 10.30 9.94
N VAL A 493 23.31 11.34 9.14
CA VAL A 493 23.57 11.39 7.70
C VAL A 493 24.06 12.80 7.39
N PRO A 494 25.24 12.96 6.79
CA PRO A 494 25.72 14.30 6.45
C PRO A 494 24.93 14.90 5.30
N TYR A 495 25.13 16.20 5.11
CA TYR A 495 24.37 16.98 4.15
C TYR A 495 25.14 17.17 2.85
N ARG A 496 24.46 16.98 1.73
CA ARG A 496 25.00 17.28 0.41
C ARG A 496 23.98 18.11 -0.36
N ASP A 497 24.48 19.00 -1.21
CA ASP A 497 23.61 19.88 -1.98
C ASP A 497 23.06 19.13 -3.19
N GLN A 498 21.74 18.94 -3.22
CA GLN A 498 21.06 18.25 -4.32
C GLN A 498 20.37 19.20 -5.28
N SER A 499 20.75 20.48 -5.26
CA SER A 499 20.12 21.45 -6.14
C SER A 499 20.39 21.16 -7.62
N ASP A 500 21.47 20.43 -7.93
CA ASP A 500 21.81 20.12 -9.31
C ASP A 500 20.99 18.96 -9.88
N ILE A 501 20.15 18.32 -9.07
CA ILE A 501 19.36 17.17 -9.50
C ILE A 501 17.88 17.53 -9.42
N TYR A 502 17.14 17.21 -10.47
CA TYR A 502 15.70 17.35 -10.42
C TYR A 502 15.09 16.25 -9.57
N ASN A 503 14.01 16.56 -8.87
CA ASN A 503 13.33 15.61 -8.00
C ASN A 503 12.49 14.68 -8.87
N TYR A 504 13.13 13.63 -9.38
CA TYR A 504 12.43 12.67 -10.24
C TYR A 504 11.43 11.83 -9.45
N ASP A 505 11.88 11.20 -8.36
CA ASP A 505 11.06 10.19 -7.71
C ASP A 505 11.15 10.24 -6.19
N SER A 506 11.35 11.41 -5.60
CA SER A 506 11.42 11.55 -4.16
C SER A 506 10.20 12.31 -3.66
N SER A 507 9.47 11.71 -2.73
CA SER A 507 8.30 12.33 -2.13
C SER A 507 8.37 12.17 -0.62
N LEU A 508 7.85 13.17 0.10
CA LEU A 508 7.82 13.10 1.55
C LEU A 508 6.95 11.94 2.02
N LEU A 509 7.45 11.21 3.02
CA LEU A 509 6.77 10.05 3.55
C LEU A 509 6.00 10.41 4.82
N GLN A 510 4.88 9.74 5.04
CA GLN A 510 4.14 9.90 6.27
C GLN A 510 4.92 9.32 7.44
N SER A 511 4.70 9.89 8.62
CA SER A 511 5.43 9.50 9.81
C SER A 511 4.44 9.01 10.86
N ASP A 512 4.11 7.72 10.78
CA ASP A 512 3.35 7.05 11.82
C ASP A 512 4.34 6.61 12.90
N TYR A 513 3.86 5.86 13.90
CA TYR A 513 4.76 5.43 14.97
C TYR A 513 5.86 4.53 14.42
N SER A 514 5.51 3.61 13.53
CA SER A 514 6.52 2.80 12.86
C SER A 514 7.39 3.64 11.94
N GLY A 515 6.81 4.64 11.29
CA GLY A 515 7.58 5.53 10.43
C GLY A 515 8.47 6.49 11.17
N LEU A 516 8.29 6.66 12.48
CA LEU A 516 9.19 7.50 13.25
C LEU A 516 10.59 6.94 13.26
N PHE A 517 10.73 5.62 13.24
CA PHE A 517 12.03 4.96 13.29
C PHE A 517 12.60 4.69 11.90
N ARG A 518 11.90 5.08 10.84
CA ARG A 518 12.44 4.97 9.50
C ARG A 518 13.51 6.03 9.26
N ASP A 519 14.63 5.62 8.67
CA ASP A 519 15.76 6.52 8.51
C ASP A 519 15.58 7.52 7.36
N ARG A 520 14.66 7.28 6.44
CA ARG A 520 14.46 8.15 5.29
C ARG A 520 13.32 9.13 5.53
N THR A 521 13.51 10.36 5.07
CA THR A 521 12.43 11.35 5.08
C THR A 521 11.74 11.46 3.73
N TYR A 522 12.47 11.33 2.64
CA TYR A 522 11.90 11.27 1.30
C TYR A 522 12.03 9.86 0.76
N GLY A 523 11.21 9.54 -0.23
CA GLY A 523 11.34 8.29 -0.94
C GLY A 523 12.35 8.38 -2.07
N GLY A 524 12.54 7.26 -2.75
CA GLY A 524 13.43 7.24 -3.88
C GLY A 524 14.87 7.49 -3.48
N LEU A 525 15.66 8.05 -4.41
CA LEU A 525 17.06 8.33 -4.16
C LEU A 525 17.47 9.69 -4.72
N ASP A 526 16.55 10.64 -4.77
CA ASP A 526 16.85 11.99 -5.26
C ASP A 526 17.07 12.97 -4.13
N ARG A 527 16.19 12.97 -3.13
CA ARG A 527 16.28 13.86 -1.99
C ARG A 527 16.60 13.01 -0.76
N ILE A 528 17.87 13.02 -0.35
CA ILE A 528 18.30 12.35 0.87
C ILE A 528 18.71 13.44 1.85
N ALA A 529 17.83 13.73 2.80
CA ALA A 529 18.05 14.82 3.73
C ALA A 529 19.13 14.45 4.74
N SER A 530 19.78 15.49 5.28
CA SER A 530 20.69 15.28 6.39
C SER A 530 19.91 14.81 7.61
N ALA A 531 20.62 14.18 8.53
CA ALA A 531 19.95 13.63 9.72
C ALA A 531 20.91 13.72 10.91
N ASN A 532 20.46 14.37 11.97
CA ASN A 532 21.12 14.32 13.27
C ASN A 532 19.98 14.25 14.27
N GLN A 533 19.52 13.04 14.57
CA GLN A 533 18.28 12.97 15.34
C GLN A 533 18.23 11.74 16.22
N VAL A 534 17.45 11.86 17.29
CA VAL A 534 17.13 10.76 18.19
C VAL A 534 15.62 10.62 18.25
N THR A 535 15.14 9.39 18.09
CA THR A 535 13.71 9.08 18.15
C THR A 535 13.47 8.16 19.33
N THR A 536 12.45 8.48 20.13
CA THR A 536 12.08 7.71 21.29
C THR A 536 10.63 7.28 21.18
N GLY A 537 10.35 6.04 21.56
CA GLY A 537 9.00 5.51 21.51
C GLY A 537 8.78 4.52 22.62
N VAL A 538 7.52 4.39 23.03
CA VAL A 538 7.12 3.44 24.06
C VAL A 538 5.89 2.68 23.58
N THR A 539 5.88 1.37 23.78
CA THR A 539 4.73 0.55 23.46
C THR A 539 4.31 -0.25 24.70
N SER A 540 3.02 -0.23 25.01
CA SER A 540 2.47 -1.02 26.10
C SER A 540 1.52 -2.07 25.53
N ARG A 541 1.71 -3.32 25.92
CA ARG A 541 0.89 -4.42 25.44
C ARG A 541 0.26 -5.16 26.61
N ILE A 542 -0.98 -5.61 26.43
CA ILE A 542 -1.70 -6.39 27.43
C ILE A 542 -1.93 -7.78 26.87
N TYR A 543 -1.59 -8.80 27.65
CA TYR A 543 -1.74 -10.20 27.27
C TYR A 543 -2.68 -10.87 28.27
N ASP A 544 -3.66 -11.59 27.74
CA ASP A 544 -4.69 -12.22 28.57
C ASP A 544 -4.17 -13.54 29.12
N ASP A 545 -5.09 -14.35 29.67
CA ASP A 545 -4.71 -15.62 30.27
C ASP A 545 -4.13 -16.58 29.23
N ALA A 546 -4.71 -16.59 28.02
CA ALA A 546 -4.24 -17.44 26.94
C ALA A 546 -3.06 -16.89 26.19
N ALA A 547 -2.38 -15.88 26.76
CA ALA A 547 -1.21 -15.25 26.14
C ALA A 547 -1.54 -14.62 24.78
N VAL A 548 -2.79 -14.18 24.61
CA VAL A 548 -3.23 -13.51 23.40
C VAL A 548 -3.25 -12.02 23.66
N GLU A 549 -2.57 -11.26 22.81
CA GLU A 549 -2.49 -9.82 22.98
C GLU A 549 -3.85 -9.19 22.73
N ARG A 550 -4.41 -8.55 23.76
CA ARG A 550 -5.73 -7.94 23.66
C ARG A 550 -5.70 -6.44 23.49
N PHE A 551 -4.58 -5.79 23.79
CA PHE A 551 -4.49 -4.34 23.72
C PHE A 551 -3.04 -3.93 23.52
N ASN A 552 -2.84 -2.87 22.73
CA ASN A 552 -1.53 -2.24 22.64
C ASN A 552 -1.71 -0.76 22.32
N ILE A 553 -0.86 0.06 22.91
CA ILE A 553 -0.87 1.50 22.68
C ILE A 553 0.56 1.95 22.47
N SER A 554 0.75 2.88 21.52
CA SER A 554 2.07 3.36 21.14
C SER A 554 2.09 4.87 21.15
N VAL A 555 3.23 5.44 21.51
CA VAL A 555 3.44 6.89 21.42
C VAL A 555 4.93 7.13 21.28
N GLY A 556 5.29 8.04 20.38
CA GLY A 556 6.69 8.36 20.15
C GLY A 556 6.83 9.73 19.55
N GLN A 557 8.09 10.18 19.48
CA GLN A 557 8.39 11.50 18.96
C GLN A 557 9.78 11.49 18.35
N ILE A 558 10.05 12.51 17.54
CA ILE A 558 11.36 12.69 16.91
C ILE A 558 11.90 14.05 17.34
N TYR A 559 13.14 14.06 17.82
CA TYR A 559 13.82 15.27 18.28
C TYR A 559 15.04 15.48 17.40
N TYR A 560 15.06 16.58 16.66
CA TYR A 560 16.15 16.92 15.77
C TYR A 560 17.19 17.78 16.47
N PHE A 561 18.46 17.56 16.12
CA PHE A 561 19.53 18.43 16.57
C PHE A 561 19.94 19.44 15.51
N THR A 562 19.87 19.08 14.23
CA THR A 562 20.14 19.98 13.13
C THR A 562 18.99 19.89 12.14
N GLU A 563 18.83 20.95 11.35
CA GLU A 563 17.76 20.99 10.35
C GLU A 563 18.01 19.95 9.26
N SER A 564 16.95 19.26 8.86
CA SER A 564 17.01 18.28 7.79
C SER A 564 16.99 19.00 6.45
N ARG A 565 18.15 19.19 5.86
CA ARG A 565 18.30 19.93 4.62
C ARG A 565 18.57 18.99 3.46
N THR A 566 18.13 19.40 2.27
CA THR A 566 18.36 18.60 1.07
C THR A 566 18.79 19.42 -0.14
N GLY A 567 19.00 20.73 0.02
CA GLY A 567 19.36 21.60 -1.09
C GLY A 567 18.18 22.16 -1.85
N ASP A 568 17.06 21.45 -1.89
CA ASP A 568 15.87 21.91 -2.57
C ASP A 568 14.70 21.92 -1.59
N ASP A 569 14.93 22.51 -0.41
CA ASP A 569 13.91 22.56 0.64
C ASP A 569 12.94 23.68 0.31
N ASN A 570 11.84 23.32 -0.34
CA ASN A 570 10.80 24.29 -0.70
C ASN A 570 9.46 23.94 -0.06
N ILE A 571 9.45 23.07 0.95
CA ILE A 571 8.22 22.69 1.62
C ILE A 571 7.68 23.89 2.39
N THR A 572 6.38 24.16 2.21
CA THR A 572 5.74 25.32 2.82
C THR A 572 5.26 24.94 4.21
N TRP A 573 6.20 24.92 5.15
CA TRP A 573 5.86 24.75 6.55
C TRP A 573 5.20 26.01 7.09
N GLU A 574 4.28 25.83 8.03
CA GLU A 574 3.54 26.97 8.56
C GLU A 574 4.36 27.79 9.55
N ASN A 575 5.43 27.22 10.11
CA ASN A 575 6.31 27.97 10.98
C ASN A 575 7.76 27.60 10.66
N ASP A 576 8.69 28.28 11.31
CA ASP A 576 10.11 28.18 10.98
C ASP A 576 10.90 27.38 12.02
N ASP A 577 10.28 26.35 12.58
CA ASP A 577 10.98 25.48 13.53
C ASP A 577 11.78 24.44 12.77
N LYS A 578 13.10 24.42 13.00
CA LYS A 578 13.98 23.55 12.26
C LYS A 578 14.64 22.47 13.11
N THR A 579 14.77 22.69 14.42
CA THR A 579 15.35 21.71 15.32
C THR A 579 14.45 21.59 16.55
N GLY A 580 14.61 20.50 17.27
CA GLY A 580 13.83 20.23 18.47
C GLY A 580 12.85 19.10 18.25
N SER A 581 11.94 18.94 19.20
CA SER A 581 10.89 17.92 19.11
C SER A 581 9.88 18.35 18.07
N LEU A 582 9.92 17.72 16.90
CA LEU A 582 9.14 18.23 15.78
C LEU A 582 7.98 17.33 15.37
N VAL A 583 8.12 16.02 15.49
CA VAL A 583 7.15 15.06 14.99
C VAL A 583 6.70 14.16 16.12
N TRP A 584 5.40 13.91 16.22
CA TRP A 584 4.84 13.01 17.21
C TRP A 584 3.87 12.05 16.54
N ALA A 585 3.80 10.83 17.05
CA ALA A 585 2.89 9.84 16.50
C ALA A 585 2.38 8.95 17.62
N GLY A 586 1.23 8.33 17.37
CA GLY A 586 0.63 7.44 18.34
C GLY A 586 -0.38 6.50 17.72
N ASP A 587 -0.42 5.26 18.22
CA ASP A 587 -1.35 4.26 17.72
C ASP A 587 -1.96 3.50 18.90
N THR A 588 -3.14 2.94 18.67
CA THR A 588 -3.81 2.12 19.67
C THR A 588 -4.68 1.08 18.96
N TYR A 589 -4.78 -0.09 19.59
CA TYR A 589 -5.59 -1.18 19.07
C TYR A 589 -6.13 -1.96 20.26
N TRP A 590 -7.45 -2.12 20.32
CA TRP A 590 -8.10 -2.79 21.44
C TRP A 590 -9.06 -3.84 20.92
N ARG A 591 -8.87 -5.08 21.36
CA ARG A 591 -9.79 -6.17 21.05
C ARG A 591 -10.61 -6.43 22.30
N ILE A 592 -11.77 -5.78 22.39
CA ILE A 592 -12.57 -5.84 23.60
C ILE A 592 -13.16 -7.23 23.79
N SER A 593 -13.67 -7.83 22.73
CA SER A 593 -14.26 -9.16 22.82
C SER A 593 -14.03 -9.87 21.50
N GLU A 594 -14.66 -11.04 21.35
CA GLU A 594 -14.53 -11.80 20.11
C GLU A 594 -15.16 -11.05 18.94
N ARG A 595 -16.26 -10.34 19.19
CA ARG A 595 -17.04 -9.69 18.15
C ARG A 595 -16.88 -8.17 18.14
N TRP A 596 -15.97 -7.63 18.94
CA TRP A 596 -15.91 -6.19 19.15
C TRP A 596 -14.45 -5.76 19.23
N GLY A 597 -14.13 -4.63 18.59
CA GLY A 597 -12.77 -4.12 18.60
C GLY A 597 -12.71 -2.72 18.03
N LEU A 598 -11.59 -2.04 18.29
CA LEU A 598 -11.41 -0.68 17.82
C LEU A 598 -9.93 -0.39 17.58
N ARG A 599 -9.69 0.63 16.76
CA ARG A 599 -8.33 1.04 16.39
C ARG A 599 -8.26 2.56 16.44
N GLY A 600 -7.03 3.08 16.38
CA GLY A 600 -6.84 4.51 16.33
C GLY A 600 -5.41 4.92 16.06
N GLY A 601 -5.23 6.06 15.42
CA GLY A 601 -3.89 6.57 15.13
C GLY A 601 -3.92 8.07 14.98
N ILE A 602 -2.81 8.70 15.32
CA ILE A 602 -2.70 10.16 15.25
C ILE A 602 -1.25 10.53 14.98
N GLN A 603 -1.07 11.59 14.20
CA GLN A 603 0.25 12.17 13.93
C GLN A 603 0.17 13.67 14.09
N TYR A 604 1.10 14.24 14.83
CA TYR A 604 1.14 15.67 15.12
C TYR A 604 2.46 16.26 14.65
N ASP A 605 2.41 17.46 14.07
CA ASP A 605 3.62 18.14 13.61
C ASP A 605 3.62 19.56 14.15
N THR A 606 4.72 19.95 14.77
CA THR A 606 4.88 21.32 15.23
C THR A 606 5.19 22.27 14.06
N ARG A 607 5.84 21.76 13.02
CA ARG A 607 6.10 22.59 11.85
C ARG A 607 4.79 22.99 11.18
N LEU A 608 3.81 22.09 11.14
CA LEU A 608 2.46 22.44 10.77
C LEU A 608 1.69 23.06 11.93
N ASP A 609 2.21 22.95 13.15
CA ASP A 609 1.54 23.44 14.36
C ASP A 609 0.14 22.86 14.47
N ASN A 610 -0.01 21.60 14.09
CA ASN A 610 -1.33 20.99 14.02
C ASN A 610 -1.19 19.48 13.91
N VAL A 611 -2.32 18.80 14.10
CA VAL A 611 -2.41 17.36 13.88
C VAL A 611 -2.47 17.14 12.37
N ALA A 612 -1.43 16.51 11.82
CA ALA A 612 -1.38 16.33 10.37
C ALA A 612 -2.43 15.35 9.89
N THR A 613 -2.52 14.19 10.54
CA THR A 613 -3.41 13.13 10.09
C THR A 613 -3.91 12.37 11.32
N SER A 614 -5.11 11.83 11.22
CA SER A 614 -5.68 10.99 12.26
C SER A 614 -6.64 9.99 11.64
N ASN A 615 -6.90 8.92 12.38
CA ASN A 615 -7.86 7.93 11.95
C ASN A 615 -8.40 7.21 13.17
N SER A 616 -9.59 6.64 13.03
CA SER A 616 -10.22 5.91 14.11
C SER A 616 -11.26 4.98 13.50
N SER A 617 -11.46 3.84 14.14
CA SER A 617 -12.46 2.89 13.67
C SER A 617 -12.91 2.03 14.84
N ILE A 618 -14.15 1.58 14.77
CA ILE A 618 -14.73 0.72 15.79
C ILE A 618 -15.73 -0.22 15.12
N GLU A 619 -15.54 -1.52 15.31
CA GLU A 619 -16.29 -2.51 14.55
C GLU A 619 -16.93 -3.54 15.45
N TYR A 620 -18.17 -3.90 15.13
CA TYR A 620 -18.86 -5.06 15.67
C TYR A 620 -19.07 -6.04 14.54
N ARG A 621 -18.55 -7.25 14.69
CA ARG A 621 -18.64 -8.24 13.63
C ARG A 621 -18.86 -9.61 14.25
N ARG A 622 -20.07 -10.16 14.09
CA ARG A 622 -20.27 -11.56 14.44
C ARG A 622 -19.79 -12.49 13.34
N ASP A 623 -20.15 -12.21 12.08
CA ASP A 623 -19.67 -13.05 11.00
C ASP A 623 -19.75 -12.27 9.68
N GLU A 624 -19.35 -12.95 8.60
CA GLU A 624 -19.29 -12.30 7.29
C GLU A 624 -20.62 -11.68 6.89
N ASP A 625 -21.73 -12.24 7.36
CA ASP A 625 -23.04 -11.71 7.02
C ASP A 625 -23.57 -10.68 8.01
N ARG A 626 -23.05 -10.65 9.23
CA ARG A 626 -23.56 -9.74 10.25
C ARG A 626 -22.41 -8.97 10.87
N LEU A 627 -22.43 -7.65 10.70
CA LEU A 627 -21.37 -6.79 11.18
C LEU A 627 -21.82 -5.33 11.18
N VAL A 628 -21.16 -4.52 12.00
CA VAL A 628 -21.35 -3.07 12.04
C VAL A 628 -19.98 -2.43 12.25
N GLN A 629 -19.73 -1.32 11.57
CA GLN A 629 -18.45 -0.63 11.69
C GLN A 629 -18.65 0.88 11.56
N LEU A 630 -17.87 1.64 12.31
CA LEU A 630 -17.86 3.09 12.24
C LEU A 630 -16.41 3.54 12.17
N ASN A 631 -16.11 4.47 11.25
CA ASN A 631 -14.73 4.89 11.03
C ASN A 631 -14.68 6.40 10.80
N TYR A 632 -13.51 6.98 11.02
CA TYR A 632 -13.29 8.40 10.86
C TYR A 632 -11.90 8.63 10.30
N HIS A 633 -11.79 9.58 9.36
CA HIS A 633 -10.52 9.96 8.76
C HIS A 633 -10.39 11.48 8.80
N TYR A 634 -9.21 11.96 9.18
CA TYR A 634 -8.94 13.39 9.25
C TYR A 634 -7.58 13.70 8.62
N ALA A 635 -7.51 14.89 8.02
CA ALA A 635 -6.27 15.40 7.44
C ALA A 635 -6.39 16.91 7.39
N SER A 636 -5.49 17.60 8.08
CA SER A 636 -5.60 19.04 8.21
C SER A 636 -5.32 19.73 6.87
N PRO A 637 -5.92 20.90 6.64
CA PRO A 637 -5.57 21.67 5.43
C PRO A 637 -4.12 22.09 5.40
N GLU A 638 -3.49 22.32 6.55
CA GLU A 638 -2.08 22.66 6.58
C GLU A 638 -1.22 21.54 6.04
N TYR A 639 -1.57 20.29 6.37
CA TYR A 639 -0.85 19.14 5.82
C TYR A 639 -1.00 19.06 4.31
N ILE A 640 -2.21 19.34 3.81
CA ILE A 640 -2.44 19.35 2.37
C ILE A 640 -1.59 20.41 1.71
N GLN A 641 -1.52 21.60 2.30
CA GLN A 641 -0.71 22.66 1.75
C GLN A 641 0.77 22.29 1.74
N ALA A 642 1.23 21.67 2.83
CA ALA A 642 2.66 21.38 2.97
C ALA A 642 3.11 20.29 2.02
N THR A 643 2.36 19.19 1.94
CA THR A 643 2.86 18.03 1.21
C THR A 643 2.40 17.98 -0.24
N LEU A 644 1.14 18.25 -0.51
CA LEU A 644 0.61 18.19 -1.87
C LEU A 644 1.05 19.41 -2.68
N PRO A 645 0.92 19.35 -4.01
CA PRO A 645 1.40 20.46 -4.85
C PRO A 645 0.72 21.78 -4.55
N LYS A 646 1.25 22.83 -5.17
CA LYS A 646 0.81 24.18 -4.87
C LYS A 646 -0.65 24.40 -5.23
N TYR A 647 -1.08 23.89 -6.39
CA TYR A 647 -2.45 24.14 -6.82
C TYR A 647 -3.47 23.42 -5.95
N TYR A 648 -3.04 22.43 -5.16
CA TYR A 648 -3.94 21.82 -4.18
C TYR A 648 -4.34 22.82 -3.10
N SER A 649 -3.39 23.64 -2.65
CA SER A 649 -3.66 24.59 -1.58
C SER A 649 -4.57 25.73 -2.01
N THR A 650 -4.78 25.92 -3.31
CA THR A 650 -5.64 26.99 -3.81
C THR A 650 -6.97 26.49 -4.36
N ALA A 651 -7.04 25.24 -4.80
CA ALA A 651 -8.27 24.69 -5.36
C ALA A 651 -9.24 24.33 -4.25
N GLU A 652 -10.52 24.64 -4.47
CA GLU A 652 -11.53 24.43 -3.44
C GLU A 652 -11.74 22.95 -3.13
N GLN A 653 -11.59 22.08 -4.13
CA GLN A 653 -11.80 20.65 -3.92
C GLN A 653 -10.68 20.00 -3.11
N TYR A 654 -9.55 20.67 -2.93
CA TYR A 654 -8.42 20.13 -2.19
C TYR A 654 -8.06 20.91 -0.94
N LYS A 655 -8.21 22.24 -0.94
CA LYS A 655 -7.60 23.07 0.09
C LYS A 655 -8.22 22.89 1.46
N ASN A 656 -9.42 22.32 1.54
CA ASN A 656 -10.11 22.20 2.81
C ASN A 656 -9.60 21.08 3.69
N GLY A 657 -8.98 20.07 3.10
CA GLY A 657 -8.52 18.92 3.86
C GLY A 657 -9.47 17.75 3.77
N ILE A 658 -9.40 16.89 4.78
CA ILE A 658 -10.23 15.71 4.87
C ILE A 658 -10.84 15.64 6.25
N SER A 659 -12.16 15.46 6.32
CA SER A 659 -12.86 15.17 7.58
C SER A 659 -14.06 14.31 7.22
N GLN A 660 -13.88 13.00 7.30
CA GLN A 660 -14.81 12.05 6.72
C GLN A 660 -15.26 11.04 7.77
N VAL A 661 -16.56 10.83 7.88
CA VAL A 661 -17.15 9.87 8.82
C VAL A 661 -17.88 8.81 8.02
N GLY A 662 -17.60 7.56 8.31
CA GLY A 662 -18.21 6.46 7.57
C GLY A 662 -18.87 5.45 8.49
N ALA A 663 -19.99 4.92 8.03
CA ALA A 663 -20.73 3.90 8.76
C ALA A 663 -21.07 2.78 7.80
N VAL A 664 -20.84 1.54 8.23
CA VAL A 664 -21.10 0.35 7.42
C VAL A 664 -21.90 -0.63 8.25
N ALA A 665 -22.94 -1.21 7.67
CA ALA A 665 -23.77 -2.17 8.37
C ALA A 665 -24.16 -3.31 7.45
N SER A 666 -24.26 -4.51 8.02
CA SER A 666 -24.74 -5.67 7.29
C SER A 666 -25.51 -6.55 8.26
N ARG A 667 -26.78 -6.77 7.95
CA ARG A 667 -27.71 -7.49 8.82
C ARG A 667 -28.46 -8.53 8.00
N PRO A 668 -28.32 -9.81 8.30
CA PRO A 668 -29.13 -10.83 7.63
C PRO A 668 -30.55 -10.88 8.18
N ILE A 669 -31.46 -11.36 7.34
CA ILE A 669 -32.85 -11.57 7.72
C ILE A 669 -33.27 -12.97 7.26
N ALA A 670 -33.73 -13.79 8.20
CA ALA A 670 -34.25 -15.13 7.92
C ALA A 670 -33.24 -16.00 7.19
N ASP A 671 -31.95 -15.75 7.44
CA ASP A 671 -30.82 -16.51 6.88
C ASP A 671 -30.94 -16.71 5.37
N ARG A 672 -31.66 -15.83 4.68
CA ARG A 672 -31.75 -15.87 3.22
C ARG A 672 -31.49 -14.49 2.62
N TRP A 673 -31.91 -13.44 3.32
CA TRP A 673 -31.66 -12.08 2.89
C TRP A 673 -30.43 -11.52 3.59
N SER A 674 -29.90 -10.44 3.03
CA SER A 674 -28.74 -9.78 3.62
C SER A 674 -28.82 -8.30 3.26
N ILE A 675 -29.25 -7.48 4.20
CA ILE A 675 -29.36 -6.04 3.98
C ILE A 675 -28.01 -5.41 4.30
N VAL A 676 -27.45 -4.71 3.32
CA VAL A 676 -26.12 -4.13 3.42
C VAL A 676 -26.21 -2.65 3.10
N GLY A 677 -25.60 -1.82 3.95
CA GLY A 677 -25.62 -0.38 3.72
C GLY A 677 -24.31 0.25 4.15
N ALA A 678 -24.02 1.41 3.55
CA ALA A 678 -22.84 2.18 3.89
C ALA A 678 -23.11 3.64 3.59
N TYR A 679 -22.60 4.52 4.46
CA TYR A 679 -22.79 5.95 4.32
C TYR A 679 -21.51 6.68 4.70
N TYR A 680 -21.03 7.55 3.82
CA TYR A 680 -19.83 8.33 4.07
C TYR A 680 -20.15 9.80 3.92
N TYR A 681 -19.74 10.61 4.89
CA TYR A 681 -20.20 11.98 5.01
C TYR A 681 -19.01 12.88 5.32
N ASP A 682 -18.87 13.95 4.54
CA ASP A 682 -17.84 14.96 4.75
C ASP A 682 -18.40 16.04 5.65
N THR A 683 -17.79 16.23 6.82
CA THR A 683 -18.30 17.13 7.84
C THR A 683 -17.85 18.57 7.66
N ASN A 684 -16.76 18.83 6.93
CA ASN A 684 -16.46 20.21 6.55
C ASN A 684 -17.48 20.72 5.54
N ALA A 685 -17.69 19.97 4.46
CA ALA A 685 -18.66 20.37 3.46
C ALA A 685 -20.09 20.11 3.92
N ASN A 686 -20.27 19.29 4.95
CA ASN A 686 -21.59 18.82 5.38
C ASN A 686 -22.35 18.19 4.22
N LYS A 687 -21.64 17.37 3.43
CA LYS A 687 -22.23 16.76 2.26
C LYS A 687 -21.90 15.28 2.21
N GLN A 688 -22.78 14.50 1.61
CA GLN A 688 -22.49 13.09 1.37
C GLN A 688 -21.35 12.94 0.38
N ALA A 689 -20.50 11.95 0.60
CA ALA A 689 -19.44 11.60 -0.35
C ALA A 689 -19.71 10.31 -1.09
N ASP A 690 -20.21 9.31 -0.38
CA ASP A 690 -20.55 8.01 -0.97
C ASP A 690 -21.59 7.36 -0.09
N SER A 691 -22.54 6.70 -0.72
CA SER A 691 -23.59 5.97 -0.01
C SER A 691 -24.03 4.80 -0.88
N MET A 692 -24.35 3.68 -0.24
CA MET A 692 -24.80 2.52 -1.00
C MET A 692 -25.79 1.70 -0.17
N LEU A 693 -26.68 1.03 -0.87
CA LEU A 693 -27.62 0.09 -0.29
C LEU A 693 -27.65 -1.16 -1.16
N GLY A 694 -28.01 -2.29 -0.54
CA GLY A 694 -28.06 -3.52 -1.29
C GLY A 694 -28.86 -4.61 -0.63
N VAL A 695 -29.62 -5.37 -1.41
CA VAL A 695 -30.41 -6.48 -0.92
C VAL A 695 -30.12 -7.70 -1.81
N GLN A 696 -29.81 -8.83 -1.19
CA GLN A 696 -29.55 -10.06 -1.91
C GLN A 696 -30.37 -11.18 -1.32
N TYR A 697 -31.24 -11.78 -2.14
CA TYR A 697 -31.96 -13.01 -1.79
C TYR A 697 -31.21 -14.18 -2.41
N SER A 698 -30.59 -15.00 -1.57
CA SER A 698 -29.73 -16.10 -2.01
C SER A 698 -30.43 -17.42 -1.71
N SER A 699 -30.99 -18.03 -2.74
CA SER A 699 -31.58 -19.35 -2.62
C SER A 699 -30.55 -20.41 -3.01
N CYS A 700 -30.98 -21.65 -3.16
CA CYS A 700 -30.06 -22.73 -3.51
C CYS A 700 -29.75 -22.78 -4.99
N CYS A 701 -30.64 -22.27 -5.84
CA CYS A 701 -30.43 -22.30 -7.29
C CYS A 701 -30.20 -20.93 -7.92
N TYR A 702 -30.54 -19.85 -7.22
CA TYR A 702 -30.31 -18.51 -7.73
C TYR A 702 -30.09 -17.56 -6.58
N ALA A 703 -29.49 -16.41 -6.88
CA ALA A 703 -29.26 -15.36 -5.90
C ALA A 703 -29.47 -14.03 -6.60
N ILE A 704 -30.61 -13.40 -6.34
CA ILE A 704 -30.93 -12.11 -6.93
C ILE A 704 -30.37 -10.99 -6.04
N ARG A 705 -29.74 -10.00 -6.67
CA ARG A 705 -29.16 -8.89 -5.93
C ARG A 705 -29.59 -7.58 -6.58
N VAL A 706 -30.02 -6.63 -5.76
CA VAL A 706 -30.34 -5.28 -6.21
C VAL A 706 -29.49 -4.31 -5.40
N GLY A 707 -28.87 -3.36 -6.09
CA GLY A 707 -27.96 -2.44 -5.45
C GLY A 707 -28.23 -1.01 -5.86
N TYR A 708 -27.76 -0.08 -5.03
CA TYR A 708 -27.89 1.34 -5.27
C TYR A 708 -26.65 2.03 -4.72
N GLU A 709 -26.13 3.01 -5.44
CA GLU A 709 -24.99 3.77 -4.96
C GLU A 709 -25.05 5.19 -5.50
N ARG A 710 -24.77 6.14 -4.62
CA ARG A 710 -24.58 7.55 -4.98
C ARG A 710 -23.19 7.95 -4.54
N LYS A 711 -22.37 8.41 -5.48
CA LYS A 711 -20.97 8.68 -5.19
C LYS A 711 -20.56 10.01 -5.80
N LEU A 712 -19.52 10.61 -5.23
CA LEU A 712 -18.86 11.74 -5.87
C LEU A 712 -18.19 11.27 -7.16
N ASN A 713 -18.51 11.91 -8.28
CA ASN A 713 -18.04 11.45 -9.58
C ASN A 713 -17.43 12.59 -10.39
N GLY A 714 -16.82 13.55 -9.72
CA GLY A 714 -16.13 14.62 -10.40
C GLY A 714 -16.49 15.99 -9.85
N TRP A 715 -15.78 16.99 -10.34
CA TRP A 715 -16.01 18.39 -10.01
C TRP A 715 -16.54 19.11 -11.25
N ASP A 716 -17.39 20.10 -11.03
CA ASP A 716 -17.80 20.99 -12.10
C ASP A 716 -17.04 22.30 -11.96
N ASN A 717 -16.25 22.64 -12.97
CA ASN A 717 -15.36 23.78 -12.89
C ASN A 717 -16.07 25.11 -13.01
N ASP A 718 -17.37 25.10 -13.31
CA ASP A 718 -18.12 26.35 -13.53
C ASP A 718 -18.99 26.74 -12.35
N LYS A 719 -19.81 25.83 -11.85
CA LYS A 719 -20.65 26.12 -10.69
C LYS A 719 -19.97 25.80 -9.38
N GLN A 720 -18.74 25.27 -9.41
CA GLN A 720 -17.94 25.02 -8.21
C GLN A 720 -18.65 24.10 -7.22
N HIS A 721 -19.31 23.07 -7.74
CA HIS A 721 -19.85 22.00 -6.89
C HIS A 721 -19.45 20.66 -7.48
N ALA A 722 -19.71 19.61 -6.72
CA ALA A 722 -19.40 18.27 -7.12
C ALA A 722 -20.52 17.67 -7.94
N VAL A 723 -20.17 16.71 -8.79
CA VAL A 723 -21.12 15.94 -9.57
C VAL A 723 -21.31 14.60 -8.88
N TYR A 724 -22.56 14.25 -8.62
CA TYR A 724 -22.90 12.96 -8.03
C TYR A 724 -23.44 12.03 -9.10
N ASP A 725 -23.09 10.76 -8.99
CA ASP A 725 -23.58 9.73 -9.89
C ASP A 725 -24.40 8.71 -9.13
N ASN A 726 -25.55 8.37 -9.70
CA ASN A 726 -26.46 7.39 -9.12
C ASN A 726 -26.53 6.16 -10.01
N ALA A 727 -26.65 4.99 -9.41
CA ALA A 727 -26.70 3.75 -10.17
C ALA A 727 -27.59 2.77 -9.43
N ILE A 728 -28.57 2.19 -10.12
CA ILE A 728 -29.42 1.15 -9.54
C ILE A 728 -29.47 -0.02 -10.51
N GLY A 729 -28.90 -1.15 -10.11
CA GLY A 729 -28.84 -2.31 -10.97
C GLY A 729 -29.22 -3.59 -10.27
N PHE A 730 -29.66 -4.56 -11.07
CA PHE A 730 -29.99 -5.88 -10.55
C PHE A 730 -29.08 -6.93 -11.17
N ASN A 731 -28.76 -7.96 -10.39
CA ASN A 731 -27.80 -8.97 -10.80
C ASN A 731 -28.31 -10.33 -10.36
N ILE A 732 -28.54 -11.21 -11.32
CA ILE A 732 -28.93 -12.59 -11.05
C ILE A 732 -27.73 -13.49 -11.31
N GLU A 733 -27.53 -14.48 -10.44
CA GLU A 733 -26.47 -15.45 -10.61
C GLU A 733 -27.03 -16.85 -10.42
N LEU A 734 -26.52 -17.81 -11.19
CA LEU A 734 -27.00 -19.18 -11.12
C LEU A 734 -26.08 -20.04 -10.27
N GLY A 742 -22.98 -18.78 0.48
CA GLY A 742 -22.91 -17.51 1.17
C GLY A 742 -24.00 -16.55 0.75
N LEU A 743 -24.19 -15.50 1.54
CA LEU A 743 -25.20 -14.49 1.25
C LEU A 743 -24.66 -13.32 0.44
N GLY A 744 -23.40 -13.38 0.02
CA GLY A 744 -22.84 -12.33 -0.82
C GLY A 744 -22.60 -11.02 -0.11
N THR A 745 -22.55 -11.02 1.22
CA THR A 745 -22.40 -9.78 1.97
C THR A 745 -21.07 -9.09 1.66
N GLN A 746 -19.98 -9.86 1.66
CA GLN A 746 -18.66 -9.26 1.46
C GLN A 746 -18.51 -8.70 0.06
N GLU A 747 -19.09 -9.36 -0.95
CA GLU A 747 -19.02 -8.85 -2.31
C GLU A 747 -19.72 -7.51 -2.44
N MET A 748 -20.88 -7.37 -1.79
CA MET A 748 -21.60 -6.11 -1.82
C MET A 748 -20.88 -5.03 -1.02
N LEU A 749 -20.23 -5.43 0.08
CA LEU A 749 -19.49 -4.46 0.88
C LEU A 749 -18.32 -3.86 0.14
N ARG A 750 -17.79 -4.55 -0.87
CA ARG A 750 -16.64 -4.08 -1.63
C ARG A 750 -17.03 -3.38 -2.92
N SER A 751 -18.32 -3.16 -3.16
CA SER A 751 -18.78 -2.66 -4.44
C SER A 751 -18.71 -1.15 -4.58
N ASN A 752 -18.54 -0.41 -3.49
CA ASN A 752 -18.54 1.05 -3.55
C ASN A 752 -17.11 1.59 -3.64
N ILE A 753 -17.02 2.90 -3.87
CA ILE A 753 -15.72 3.55 -4.07
C ILE A 753 -14.92 3.65 -2.79
N LEU A 754 -15.54 3.41 -1.64
CA LEU A 754 -14.87 3.37 -0.34
C LEU A 754 -15.16 2.01 0.25
N PRO A 755 -14.49 0.96 -0.23
CA PRO A 755 -14.87 -0.40 0.14
C PRO A 755 -14.63 -0.70 1.61
N TYR A 756 -15.45 -1.60 2.15
CA TYR A 756 -15.33 -2.01 3.53
C TYR A 756 -14.08 -2.85 3.74
N GLN A 757 -13.46 -2.69 4.90
CA GLN A 757 -12.31 -3.49 5.29
C GLN A 757 -12.49 -3.98 6.72
N ASN A 758 -12.09 -5.22 6.97
CA ASN A 758 -12.26 -5.81 8.29
C ASN A 758 -11.28 -5.17 9.28
N THR A 759 -11.81 -4.71 10.40
CA THR A 759 -11.02 -4.11 11.47
C THR A 759 -11.00 -4.97 12.73
N LEU A 760 -11.75 -6.08 12.72
CA LEU A 760 -11.90 -6.98 13.87
C LEU A 760 -12.70 -6.31 14.99
N CYS B 1 6.92 -0.08 41.88
CA CYS B 1 7.19 -0.45 40.49
C CYS B 1 7.47 -1.95 40.37
N GLY B 2 6.48 -2.68 39.88
CA GLY B 2 6.62 -4.10 39.64
C GLY B 2 7.25 -4.47 38.32
N TRP B 3 7.68 -3.47 37.54
CA TRP B 3 8.26 -3.74 36.24
C TRP B 3 9.62 -4.39 36.39
N HIS B 4 9.77 -5.61 35.90
CA HIS B 4 11.03 -6.31 35.90
C HIS B 4 11.44 -6.61 34.46
N LEU B 5 12.75 -6.79 34.27
CA LEU B 5 13.25 -7.15 32.95
C LEU B 5 12.74 -8.53 32.55
N ARG B 6 12.45 -8.70 31.28
CA ARG B 6 11.94 -9.98 30.79
C ARG B 6 12.99 -11.07 30.96
N ASP B 7 12.57 -12.19 31.54
CA ASP B 7 13.46 -13.32 31.75
C ASP B 7 13.25 -14.46 30.76
N THR B 8 12.10 -14.51 30.11
CA THR B 8 11.84 -15.49 29.06
C THR B 8 12.17 -14.89 27.71
N THR B 9 12.34 -15.78 26.72
CA THR B 9 12.58 -15.35 25.36
C THR B 9 11.27 -15.08 24.65
N GLN B 10 11.36 -14.26 23.58
CA GLN B 10 10.17 -13.97 22.78
C GLN B 10 9.62 -15.26 22.16
N VAL B 11 10.50 -16.08 21.60
CA VAL B 11 10.12 -17.37 21.05
C VAL B 11 10.21 -18.40 22.18
N PRO B 12 9.19 -19.24 22.37
CA PRO B 12 9.23 -20.21 23.46
C PRO B 12 10.37 -21.21 23.29
N SER B 13 10.70 -21.88 24.40
CA SER B 13 11.84 -22.79 24.41
C SER B 13 11.62 -23.97 23.48
N THR B 14 10.40 -24.48 23.41
CA THR B 14 10.11 -25.61 22.55
C THR B 14 10.37 -25.28 21.08
N MET B 15 10.01 -24.07 20.67
CA MET B 15 10.17 -23.64 19.29
C MET B 15 11.51 -22.96 19.03
N LYS B 16 12.53 -23.28 19.81
CA LYS B 16 13.86 -22.72 19.55
C LYS B 16 14.45 -23.30 18.27
N VAL B 17 14.26 -24.59 18.02
CA VAL B 17 14.72 -25.25 16.81
C VAL B 17 13.49 -25.64 16.01
N MET B 18 13.34 -25.09 14.81
CA MET B 18 12.10 -25.31 14.08
C MET B 18 12.36 -25.36 12.59
N ILE B 19 11.36 -25.84 11.87
CA ILE B 19 11.36 -25.92 10.40
C ILE B 19 10.47 -24.80 9.87
N LEU B 20 10.90 -24.19 8.77
CA LEU B 20 10.11 -23.18 8.07
C LEU B 20 9.74 -23.69 6.70
N ASP B 21 8.45 -23.65 6.37
CA ASP B 21 7.94 -24.19 5.12
C ASP B 21 7.09 -23.14 4.42
N SER B 22 7.18 -23.13 3.09
CA SER B 22 6.34 -22.26 2.26
C SER B 22 6.50 -22.67 0.81
N GLY B 23 5.54 -22.25 -0.01
CA GLY B 23 5.68 -22.36 -1.45
C GLY B 23 6.48 -21.24 -2.08
N ASP B 24 6.76 -20.19 -1.32
CA ASP B 24 7.57 -19.06 -1.76
C ASP B 24 8.72 -18.87 -0.78
N PRO B 25 9.67 -19.82 -0.75
CA PRO B 25 10.80 -19.68 0.16
C PRO B 25 11.70 -18.51 -0.20
N ASN B 26 11.63 -18.01 -1.43
CA ASN B 26 12.49 -16.96 -1.91
C ASN B 26 11.77 -15.62 -2.02
N GLY B 27 10.59 -15.51 -1.41
CA GLY B 27 9.82 -14.29 -1.46
C GLY B 27 10.14 -13.35 -0.33
N PRO B 28 9.66 -12.11 -0.43
CA PRO B 28 9.98 -11.12 0.62
C PRO B 28 9.46 -11.50 1.99
N LEU B 29 8.28 -12.12 2.07
CA LEU B 29 7.74 -12.50 3.37
C LEU B 29 8.59 -13.59 4.01
N SER B 30 9.05 -14.56 3.22
CA SER B 30 9.94 -15.59 3.76
C SER B 30 11.23 -14.97 4.27
N ARG B 31 11.78 -13.99 3.54
CA ARG B 31 12.98 -13.31 4.00
C ARG B 31 12.74 -12.59 5.32
N ALA B 32 11.61 -11.90 5.44
CA ALA B 32 11.31 -11.16 6.66
C ALA B 32 11.13 -12.11 7.84
N VAL B 33 10.41 -13.21 7.63
CA VAL B 33 10.18 -14.18 8.69
C VAL B 33 11.49 -14.82 9.11
N ARG B 34 12.34 -15.16 8.14
CA ARG B 34 13.62 -15.78 8.47
C ARG B 34 14.51 -14.82 9.24
N ASN B 35 14.52 -13.54 8.86
CA ASN B 35 15.30 -12.56 9.60
C ASN B 35 14.79 -12.42 11.03
N GLN B 36 13.47 -12.34 11.19
CA GLN B 36 12.89 -12.20 12.51
C GLN B 36 13.19 -13.43 13.37
N LEU B 37 13.22 -14.62 12.76
CA LEU B 37 13.52 -15.83 13.52
C LEU B 37 15.00 -15.91 13.88
N ARG B 38 15.88 -15.52 12.96
CA ARG B 38 17.31 -15.56 13.26
C ARG B 38 17.70 -14.53 14.29
N LEU B 39 16.95 -13.41 14.38
CA LEU B 39 17.24 -12.45 15.43
C LEU B 39 16.79 -12.95 16.79
N ASN B 40 15.66 -13.63 16.86
CA ASN B 40 15.15 -14.16 18.13
C ASN B 40 15.90 -15.39 18.58
N GLY B 41 17.01 -15.76 17.95
CA GLY B 41 17.77 -16.91 18.40
C GLY B 41 17.20 -18.25 18.01
N VAL B 42 16.46 -18.31 16.90
CA VAL B 42 15.81 -19.54 16.46
C VAL B 42 16.65 -20.18 15.37
N GLU B 43 16.87 -21.49 15.48
CA GLU B 43 17.62 -22.24 14.49
C GLU B 43 16.67 -22.92 13.53
N LEU B 44 16.86 -22.67 12.24
CA LEU B 44 15.96 -23.13 11.20
C LEU B 44 16.55 -24.35 10.52
N LEU B 45 15.82 -25.46 10.55
CA LEU B 45 16.21 -26.69 9.89
C LEU B 45 15.53 -26.78 8.53
N ASP B 46 16.19 -27.49 7.61
CA ASP B 46 15.58 -27.75 6.31
C ASP B 46 14.41 -28.72 6.46
N LYS B 47 13.44 -28.61 5.55
CA LYS B 47 12.27 -29.46 5.60
C LYS B 47 12.59 -30.92 5.35
N GLU B 48 13.71 -31.21 4.71
CA GLU B 48 14.13 -32.58 4.42
C GLU B 48 14.72 -33.28 5.63
N THR B 49 14.88 -32.57 6.76
CA THR B 49 15.64 -33.11 7.87
C THR B 49 15.06 -34.42 8.37
N THR B 50 15.92 -35.41 8.53
CA THR B 50 15.50 -36.64 9.19
C THR B 50 15.16 -36.37 10.65
N ARG B 51 15.75 -35.32 11.23
CA ARG B 51 15.41 -34.92 12.59
C ARG B 51 13.92 -34.63 12.68
N LYS B 52 13.21 -35.50 13.38
CA LYS B 52 11.79 -35.34 13.63
C LYS B 52 11.62 -34.68 15.00
N ASP B 53 10.38 -34.49 15.43
CA ASP B 53 9.99 -33.90 16.70
C ASP B 53 10.44 -32.44 16.84
N VAL B 54 10.57 -31.74 15.72
CA VAL B 54 10.77 -30.29 15.75
C VAL B 54 9.53 -29.62 15.15
N PRO B 55 9.07 -28.51 15.71
CA PRO B 55 7.87 -27.86 15.19
C PRO B 55 8.10 -27.27 13.81
N SER B 56 7.01 -27.11 13.07
CA SER B 56 7.07 -26.61 11.70
C SER B 56 6.20 -25.36 11.56
N LEU B 57 6.79 -24.30 11.01
CA LEU B 57 6.08 -23.06 10.72
C LEU B 57 5.88 -22.98 9.21
N ARG B 58 4.65 -23.16 8.76
CA ARG B 58 4.31 -23.14 7.34
C ARG B 58 3.64 -21.81 7.01
N LEU B 59 4.32 -21.00 6.20
CA LEU B 59 3.74 -19.75 5.73
C LEU B 59 2.78 -20.03 4.58
N GLY B 60 1.65 -19.33 4.59
CA GLY B 60 0.63 -19.57 3.58
C GLY B 60 0.34 -18.38 2.69
N LYS B 61 -0.93 -18.01 2.60
CA LYS B 61 -1.36 -16.96 1.69
C LYS B 61 -0.92 -15.59 2.17
N VAL B 62 -0.48 -14.75 1.25
CA VAL B 62 -0.17 -13.35 1.50
C VAL B 62 -0.99 -12.54 0.53
N SER B 63 -1.81 -11.63 1.04
CA SER B 63 -2.58 -10.76 0.15
C SER B 63 -2.41 -9.32 0.58
N ILE B 64 -2.07 -8.45 -0.37
CA ILE B 64 -1.93 -7.03 -0.16
C ILE B 64 -2.96 -6.32 -1.03
N ALA B 65 -3.76 -5.46 -0.42
CA ALA B 65 -4.80 -4.72 -1.11
C ALA B 65 -4.63 -3.23 -0.89
N LYS B 66 -4.75 -2.46 -1.97
CA LYS B 66 -4.72 -1.01 -1.93
C LYS B 66 -6.15 -0.52 -2.14
N ASP B 67 -6.72 0.12 -1.13
CA ASP B 67 -8.07 0.65 -1.21
C ASP B 67 -8.04 2.17 -1.04
N THR B 68 -9.16 2.79 -1.40
CA THR B 68 -9.33 4.23 -1.20
C THR B 68 -9.97 4.43 0.16
N ALA B 69 -9.23 5.07 1.08
CA ALA B 69 -9.74 5.30 2.42
C ALA B 69 -10.56 6.58 2.51
N SER B 70 -10.15 7.63 1.78
CA SER B 70 -10.87 8.89 1.81
C SER B 70 -10.74 9.55 0.44
N VAL B 71 -11.67 10.45 0.15
CA VAL B 71 -11.73 11.12 -1.14
C VAL B 71 -11.85 12.62 -0.91
N PHE B 72 -11.49 13.39 -1.94
CA PHE B 72 -11.63 14.83 -1.91
C PHE B 72 -13.06 15.20 -2.30
N ARG B 73 -13.33 16.50 -2.42
CA ARG B 73 -14.67 16.94 -2.78
C ARG B 73 -15.02 16.63 -4.23
N ASN B 74 -14.05 16.31 -5.06
CA ASN B 74 -14.29 15.93 -6.45
C ASN B 74 -14.37 14.43 -6.65
N GLY B 75 -14.26 13.65 -5.57
CA GLY B 75 -14.31 12.21 -5.67
C GLY B 75 -12.98 11.54 -5.92
N GLN B 76 -11.93 12.31 -6.18
CA GLN B 76 -10.61 11.73 -6.37
C GLN B 76 -10.07 11.20 -5.05
N THR B 77 -9.30 10.13 -5.12
CA THR B 77 -8.74 9.52 -3.92
C THR B 77 -7.78 10.48 -3.23
N ALA B 78 -7.83 10.49 -1.89
CA ALA B 78 -6.92 11.27 -1.07
C ALA B 78 -5.95 10.38 -0.30
N GLU B 79 -6.45 9.38 0.40
CA GLU B 79 -5.64 8.44 1.14
C GLU B 79 -5.79 7.05 0.53
N TYR B 80 -4.66 6.40 0.28
CA TYR B 80 -4.65 5.00 -0.12
C TYR B 80 -4.26 4.17 1.09
N GLN B 81 -5.08 3.20 1.42
CA GLN B 81 -4.84 2.29 2.53
C GLN B 81 -4.30 0.97 2.00
N MET B 82 -3.08 0.63 2.42
CA MET B 82 -2.47 -0.65 2.12
C MET B 82 -2.75 -1.60 3.27
N ILE B 83 -3.38 -2.73 2.97
CA ILE B 83 -3.69 -3.75 3.95
C ILE B 83 -3.02 -5.05 3.54
N MET B 84 -2.26 -5.64 4.46
CA MET B 84 -1.55 -6.88 4.19
C MET B 84 -2.01 -7.93 5.19
N THR B 85 -2.51 -9.06 4.69
CA THR B 85 -2.90 -10.15 5.57
C THR B 85 -2.14 -11.42 5.18
N VAL B 86 -1.70 -12.14 6.21
CA VAL B 86 -0.87 -13.33 6.06
C VAL B 86 -1.45 -14.43 6.94
N ASN B 87 -1.61 -15.61 6.35
CA ASN B 87 -2.06 -16.79 7.07
C ASN B 87 -0.92 -17.78 7.18
N ALA B 88 -0.80 -18.44 8.33
CA ALA B 88 0.27 -19.40 8.54
C ALA B 88 -0.22 -20.46 9.51
N THR B 89 0.53 -21.55 9.59
CA THR B 89 0.21 -22.64 10.50
C THR B 89 1.45 -23.07 11.25
N VAL B 90 1.25 -23.60 12.44
CA VAL B 90 2.32 -24.20 13.22
C VAL B 90 1.91 -25.62 13.55
N LEU B 91 2.71 -26.58 13.14
CA LEU B 91 2.48 -27.98 13.44
C LEU B 91 3.40 -28.37 14.58
N ILE B 92 2.82 -28.80 15.69
CA ILE B 92 3.57 -29.41 16.79
C ILE B 92 3.59 -30.91 16.53
N PRO B 93 4.74 -31.54 16.39
CA PRO B 93 4.78 -32.94 15.95
C PRO B 93 4.03 -33.88 16.87
N GLY B 94 2.96 -34.47 16.36
CA GLY B 94 2.21 -35.46 17.09
C GLY B 94 1.06 -34.94 17.93
N ARG B 95 0.88 -33.62 18.02
CA ARG B 95 -0.15 -33.07 18.89
C ARG B 95 -1.27 -32.38 18.12
N ASP B 96 -0.97 -31.35 17.33
CA ASP B 96 -2.00 -30.67 16.55
C ASP B 96 -1.37 -29.59 15.68
N ILE B 97 -2.19 -29.06 14.78
CA ILE B 97 -1.87 -27.91 13.95
C ILE B 97 -2.61 -26.70 14.50
N TYR B 98 -1.89 -25.63 14.78
CA TYR B 98 -2.44 -24.41 15.33
C TYR B 98 -2.34 -23.30 14.29
N PRO B 99 -3.45 -22.72 13.85
CA PRO B 99 -3.39 -21.66 12.84
C PRO B 99 -3.09 -20.30 13.46
N ILE B 100 -2.37 -19.49 12.69
CA ILE B 100 -2.00 -18.14 13.09
C ILE B 100 -2.18 -17.19 11.91
N SER B 101 -2.29 -15.90 12.22
CA SER B 101 -2.59 -14.90 11.21
C SER B 101 -1.92 -13.59 11.60
N ALA B 102 -1.76 -12.73 10.62
CA ALA B 102 -1.21 -11.40 10.82
C ALA B 102 -1.90 -10.43 9.87
N LYS B 103 -2.15 -9.21 10.36
CA LYS B 103 -2.77 -8.18 9.55
C LYS B 103 -2.11 -6.85 9.85
N VAL B 104 -1.68 -6.15 8.79
CA VAL B 104 -0.98 -4.88 8.91
C VAL B 104 -1.72 -3.83 8.11
N PHE B 105 -1.97 -2.68 8.73
CA PHE B 105 -2.60 -1.54 8.08
C PHE B 105 -1.56 -0.44 7.90
N ARG B 106 -1.63 0.26 6.76
CA ARG B 106 -0.86 1.47 6.58
C ARG B 106 -1.60 2.35 5.59
N SER B 107 -1.23 3.63 5.55
CA SER B 107 -1.88 4.56 4.64
C SER B 107 -0.87 5.56 4.12
N PHE B 108 -1.17 6.14 2.96
CA PHE B 108 -0.33 7.18 2.40
C PHE B 108 -1.18 8.04 1.47
N PHE B 109 -0.86 9.31 1.40
CA PHE B 109 -1.59 10.22 0.54
C PHE B 109 -1.15 10.04 -0.91
N ASP B 110 -2.10 10.21 -1.82
CA ASP B 110 -1.84 10.09 -3.24
C ASP B 110 -1.42 11.43 -3.83
N ASN B 111 -0.55 11.37 -4.83
CA ASN B 111 -0.08 12.57 -5.52
C ASN B 111 0.14 12.21 -6.98
N PRO B 112 -0.85 12.46 -7.84
CA PRO B 112 -0.65 12.15 -9.26
C PRO B 112 0.51 12.90 -9.90
N GLN B 113 0.72 14.16 -9.51
CA GLN B 113 1.79 14.96 -10.10
C GLN B 113 3.14 14.29 -9.89
N MET B 114 3.34 13.66 -8.75
CA MET B 114 4.56 12.92 -8.45
C MET B 114 4.28 11.42 -8.43
N ALA B 115 3.46 10.95 -9.37
CA ALA B 115 2.98 9.57 -9.36
C ALA B 115 4.12 8.56 -9.23
N LEU B 116 5.15 8.69 -10.08
CA LEU B 116 6.29 7.79 -9.99
C LEU B 116 6.85 7.76 -8.59
N ALA B 117 7.11 8.93 -8.01
CA ALA B 117 7.60 9.00 -6.64
C ALA B 117 6.69 8.22 -5.70
N LYS B 118 5.38 8.46 -5.81
CA LYS B 118 4.44 7.78 -4.93
C LYS B 118 4.55 6.28 -5.08
N ASP B 119 4.73 5.80 -6.33
CA ASP B 119 4.93 4.37 -6.55
C ASP B 119 6.09 3.85 -5.72
N ASN B 120 7.23 4.54 -5.78
CA ASN B 120 8.36 4.16 -4.95
C ASN B 120 7.97 4.15 -3.49
N GLU B 121 7.27 5.19 -3.04
CA GLU B 121 6.77 5.23 -1.67
C GLU B 121 6.00 3.97 -1.35
N GLN B 122 5.05 3.61 -2.23
CA GLN B 122 4.25 2.40 -2.01
C GLN B 122 5.15 1.19 -1.84
N ASP B 123 6.15 1.05 -2.72
CA ASP B 123 7.08 -0.06 -2.61
C ASP B 123 7.70 -0.10 -1.22
N MET B 124 8.25 1.03 -0.78
CA MET B 124 8.85 1.07 0.55
C MET B 124 7.84 0.65 1.60
N ILE B 125 6.61 1.17 1.50
CA ILE B 125 5.58 0.81 2.45
C ILE B 125 5.41 -0.69 2.50
N VAL B 126 5.32 -1.32 1.33
CA VAL B 126 5.14 -2.78 1.29
C VAL B 126 6.31 -3.46 1.95
N LYS B 127 7.54 -3.00 1.66
CA LYS B 127 8.71 -3.64 2.25
C LYS B 127 8.68 -3.53 3.77
N GLU B 128 8.06 -2.48 4.30
CA GLU B 128 7.94 -2.38 5.75
C GLU B 128 6.86 -3.33 6.27
N MET B 129 5.76 -3.46 5.54
CA MET B 129 4.62 -4.24 6.03
C MET B 129 5.02 -5.69 6.27
N TYR B 130 5.80 -6.27 5.35
CA TYR B 130 6.29 -7.63 5.55
C TYR B 130 6.99 -7.76 6.90
N ASP B 131 7.85 -6.80 7.23
CA ASP B 131 8.52 -6.82 8.52
C ASP B 131 7.50 -6.81 9.65
N ARG B 132 6.48 -5.95 9.54
CA ARG B 132 5.44 -5.92 10.56
C ARG B 132 4.72 -7.26 10.62
N ALA B 133 4.54 -7.91 9.47
CA ALA B 133 3.93 -9.23 9.48
C ALA B 133 4.83 -10.26 10.13
N ALA B 134 6.15 -10.10 10.03
CA ALA B 134 7.06 -11.07 10.62
C ALA B 134 7.12 -10.96 12.13
N GLU B 135 6.99 -9.75 12.67
CA GLU B 135 7.13 -9.61 14.14
C GLU B 135 5.80 -10.06 14.80
N GLN B 136 4.68 -9.86 14.10
CA GLN B 136 3.34 -10.20 14.62
C GLN B 136 3.22 -11.71 14.82
N LEU B 137 3.47 -12.48 13.76
CA LEU B 137 3.37 -13.96 13.84
C LEU B 137 4.24 -14.48 14.99
N ILE B 138 5.45 -13.95 15.13
CA ILE B 138 6.35 -14.36 16.25
C ILE B 138 5.67 -14.00 17.59
N ARG B 139 5.08 -12.80 17.69
CA ARG B 139 4.45 -12.49 18.97
C ARG B 139 3.29 -13.42 19.29
N LYS B 140 2.78 -14.16 18.31
CA LYS B 140 1.71 -15.12 18.52
C LYS B 140 2.22 -16.51 18.84
N LEU B 141 3.53 -16.72 18.83
CA LEU B 141 4.07 -18.04 19.18
C LEU B 141 3.77 -18.43 20.63
N PRO B 142 3.95 -17.56 21.64
CA PRO B 142 3.60 -17.98 23.00
C PRO B 142 2.14 -18.38 23.17
N SER B 143 1.24 -17.77 22.39
CA SER B 143 -0.16 -18.18 22.46
C SER B 143 -0.33 -19.63 22.00
N ILE B 144 0.44 -20.03 20.98
CA ILE B 144 0.43 -21.42 20.55
C ILE B 144 0.96 -22.32 21.67
N ARG B 145 2.05 -21.90 22.31
CA ARG B 145 2.67 -22.72 23.34
C ARG B 145 1.71 -22.94 24.50
N ALA B 146 1.00 -21.90 24.92
CA ALA B 146 0.02 -22.06 25.99
C ALA B 146 -1.16 -22.91 25.53
N ALA B 147 -1.54 -22.78 24.27
CA ALA B 147 -2.64 -23.60 23.74
C ALA B 147 -2.28 -25.08 23.76
N ASP B 148 -1.02 -25.40 23.44
CA ASP B 148 -0.60 -26.79 23.44
C ASP B 148 -0.64 -27.39 24.84
N ILE B 149 -0.25 -26.62 25.85
CA ILE B 149 -0.27 -27.09 27.22
C ILE B 149 -1.70 -27.27 27.70
N ALA C 1 30.24 -0.77 -23.74
CA ALA C 1 30.22 0.58 -24.29
C ALA C 1 28.79 1.09 -24.36
N CYS C 2 27.98 0.43 -25.18
CA CYS C 2 26.56 0.76 -25.28
C CYS C 2 25.82 0.19 -24.08
N PHE C 3 25.09 1.05 -23.37
CA PHE C 3 24.28 0.62 -22.25
C PHE C 3 22.81 0.73 -22.61
N TRP C 4 22.46 0.40 -23.87
CA TRP C 4 21.19 0.81 -24.47
C TRP C 4 19.95 0.87 -23.60
N PRO C 5 19.62 -0.14 -22.82
CA PRO C 5 18.51 0.05 -21.88
C PRO C 5 18.79 1.16 -20.89
N PHE C 6 19.91 1.11 -20.18
CA PHE C 6 20.17 1.98 -19.03
C PHE C 6 21.05 3.14 -19.46
N CYS C 7 20.45 4.04 -20.22
CA CYS C 7 21.08 5.26 -20.73
C CYS C 7 20.06 6.26 -21.31
N ASN C 8 20.52 7.41 -21.72
CA ASN C 8 19.66 8.48 -22.21
C ASN C 8 19.44 8.36 -23.71
N TRP C 9 18.39 7.65 -24.08
CA TRP C 9 18.07 7.43 -25.49
C TRP C 9 16.91 8.25 -26.02
N LYS C 10 16.23 9.06 -25.20
CA LYS C 10 15.18 9.93 -25.72
C LYS C 10 15.74 11.20 -26.33
N HIS C 11 16.65 11.86 -25.62
CA HIS C 11 17.23 13.12 -26.08
C HIS C 11 18.75 13.08 -26.16
N GLY C 12 19.37 11.91 -26.04
CA GLY C 12 20.81 11.86 -25.83
C GLY C 12 21.62 12.20 -27.07
N CYS C 13 21.18 11.73 -28.24
CA CYS C 13 21.90 12.02 -29.48
C CYS C 13 21.72 13.46 -29.95
N ALA C 14 21.02 14.28 -29.20
CA ALA C 14 21.00 15.71 -29.46
C ALA C 14 22.21 16.34 -28.79
N NH2 C 15 22.95 17.17 -29.53
C1B LMT D . -9.29 18.98 13.88
C2B LMT D . -8.68 20.31 14.35
C3B LMT D . -9.70 21.01 15.26
C4B LMT D . -11.06 21.18 14.53
C5B LMT D . -11.43 19.93 13.70
C6B LMT D . -12.45 20.33 12.65
O1B LMT D . -9.67 18.24 14.97
O2B LMT D . -7.56 20.01 15.05
O3B LMT D . -9.20 22.18 15.77
O4' LMT D . -12.05 21.42 15.44
O5B LMT D . -10.38 19.24 13.06
O6B LMT D . -12.58 19.34 11.71
C1' LMT D . -9.80 14.19 16.20
C2' LMT D . -8.73 14.70 15.24
C3' LMT D . -8.58 16.21 15.44
C4' LMT D . -9.80 16.83 14.81
C5' LMT D . -11.00 16.32 15.65
C6' LMT D . -12.25 16.09 14.85
O1' LMT D . -10.48 13.11 15.68
O2' LMT D . -7.56 14.09 15.56
O3' LMT D . -7.46 16.67 14.84
O5' LMT D . -10.75 15.21 16.53
O6' LMT D . -12.02 16.73 13.68
C1 LMT D . -9.74 11.90 15.47
C2 LMT D . -9.40 11.43 16.84
C3 LMT D . -9.20 9.95 17.10
C4 LMT D . -7.74 9.61 16.91
C5 LMT D . -7.36 8.40 17.69
C6 LMT D . -6.01 8.49 18.28
C7 LMT D . -5.56 7.14 18.75
C8 LMT D . -4.14 7.23 19.15
C9 LMT D . -3.84 6.80 20.54
C10 LMT D . -2.35 6.88 20.65
C11 LMT D . -1.95 7.72 21.82
C12 LMT D . -1.06 8.85 21.40
C14 A1I1D E . 22.21 5.36 -24.30
C01 A1I1D E . 23.72 9.11 -29.35
C02 A1I1D E . 24.61 7.86 -29.08
C04 A1I1D E . 25.10 5.52 -28.70
C05 A1I1D E . 24.71 4.60 -27.55
C07 A1I1D E . 24.25 2.41 -28.38
C08 A1I1D E . 23.40 1.18 -28.72
C10 A1I1D E . 22.21 3.36 -27.66
C11 A1I1D E . 21.45 4.25 -26.70
C13 A1I1D E . 22.22 6.23 -25.52
C16 A1I1D E . 21.88 6.84 -27.80
C17 A1I1D E . 22.59 6.47 -29.06
N03 A1I1D E . 24.03 6.49 -28.94
N06 A1I1D E . 23.64 3.62 -27.79
N12 A1I1D E . 21.78 5.68 -26.83
O09 A1I1D E . 25.41 2.39 -28.59
O15 A1I1D E . 22.54 7.33 -25.23
O18 A1I1D E . 25.81 7.99 -28.99
#